data_2UVK
#
_entry.id   2UVK
#
_cell.length_a   44.758
_cell.length_b   105.659
_cell.length_c   74.222
_cell.angle_alpha   90.00
_cell.angle_beta   99.95
_cell.angle_gamma   90.00
#
_symmetry.space_group_name_H-M   'P 1 21 1'
#
loop_
_entity.id
_entity.type
_entity.pdbx_description
1 polymer YJHT
2 water water
#
_entity_poly.entity_id   1
_entity_poly.type   'polypeptide(L)'
_entity_poly.pdbx_seq_one_letter_code
;SVLPETPVPFKSGTGAIDNDTVYIGLGSAGTAWYKLDTQAKDKKWTALAAFPGGPRDQATSAFIDGNLYVFGGIGKNSEG
LTQVFNDVHKYNPKTNSWVKL(MSE)SHAP(MSE)G(MSE)AGHVTFVHNGKAYVTGGVNQNIFNGYFEDLNEAGKDSTA
IDKINAHYFDKKAEDYFFNKFLLSFDPSTQQWSYAGESPWYGTAGAAVVNKGDKTWLINGEAKPGLRTDAVFELDFTGNN
LKWNKLAPVSSPDGVAGGFAGISNDSLIFAGGAGFKGSRENYQNGKNYAHEGLKKSYSTDIHLWHNGKWDKSGELSQGRA
YGVSLPWNNSLLIIGGETAGGKAVTDSVLITVKDNKVTVQNLEHHHHHH
;
_entity_poly.pdbx_strand_id   A,B
#
# COMPACT_ATOMS: atom_id res chain seq x y z
N SER A 1 35.18 9.29 21.59
CA SER A 1 33.69 9.18 21.60
C SER A 1 33.06 9.93 22.78
N VAL A 2 31.96 10.63 22.51
CA VAL A 2 31.20 11.36 23.54
C VAL A 2 30.68 10.43 24.63
N LEU A 3 29.84 9.47 24.25
CA LEU A 3 29.44 8.39 25.14
C LEU A 3 30.45 7.25 25.01
N PRO A 4 30.41 6.27 25.93
CA PRO A 4 31.25 5.09 25.75
C PRO A 4 30.96 4.42 24.40
N GLU A 5 31.95 3.71 23.87
CA GLU A 5 31.78 3.01 22.60
C GLU A 5 30.60 2.05 22.73
N THR A 6 29.80 1.92 21.67
CA THR A 6 28.70 0.97 21.70
C THR A 6 29.37 -0.40 21.81
N PRO A 7 28.71 -1.36 22.50
CA PRO A 7 29.30 -2.67 22.76
C PRO A 7 29.66 -3.47 21.53
N VAL A 8 28.99 -3.20 20.41
CA VAL A 8 29.37 -3.73 19.10
C VAL A 8 29.20 -2.62 18.07
N PRO A 9 29.91 -2.70 16.91
CA PRO A 9 29.69 -1.70 15.87
C PRO A 9 28.23 -1.64 15.46
N PHE A 10 27.72 -0.43 15.19
CA PHE A 10 26.30 -0.14 15.31
C PHE A 10 25.76 0.72 14.16
N LYS A 11 25.38 0.09 13.04
CA LYS A 11 24.75 0.82 11.94
C LYS A 11 23.34 0.28 11.72
N SER A 12 22.47 1.11 11.16
CA SER A 12 21.10 0.77 10.80
C SER A 12 20.20 0.41 11.97
N GLY A 13 20.61 0.80 13.18
CA GLY A 13 19.86 0.50 14.37
C GLY A 13 18.88 1.61 14.69
N THR A 14 18.34 1.54 15.89
CA THR A 14 17.36 2.51 16.32
C THR A 14 17.60 2.81 17.78
N GLY A 15 16.96 3.85 18.29
CA GLY A 15 17.16 4.25 19.66
C GLY A 15 16.19 5.31 20.10
N ALA A 16 16.16 5.57 21.41
CA ALA A 16 15.27 6.57 21.97
C ALA A 16 15.91 7.07 23.26
N ILE A 17 15.46 8.24 23.69
CA ILE A 17 15.90 8.77 24.99
C ILE A 17 14.68 9.08 25.83
N ASP A 18 14.75 8.66 27.10
CA ASP A 18 13.73 8.97 28.08
C ASP A 18 14.44 9.62 29.24
N ASN A 19 14.18 10.91 29.41
CA ASN A 19 14.90 11.73 30.37
C ASN A 19 16.40 11.56 30.23
N ASP A 20 17.02 10.83 31.16
CA ASP A 20 18.48 10.75 31.20
C ASP A 20 18.99 9.47 30.55
N THR A 21 18.08 8.55 30.21
CA THR A 21 18.47 7.22 29.78
C THR A 21 18.31 7.09 28.27
N VAL A 22 19.40 6.68 27.64
CA VAL A 22 19.44 6.39 26.20
C VAL A 22 19.28 4.88 26.00
N TYR A 23 18.41 4.52 25.06
CA TYR A 23 18.17 3.13 24.69
C TYR A 23 18.61 2.99 23.23
N ILE A 24 19.39 1.95 22.93
CA ILE A 24 19.75 1.69 21.52
C ILE A 24 19.68 0.19 21.24
N GLY A 25 19.47 -0.18 19.98
CA GLY A 25 19.48 -1.59 19.64
C GLY A 25 19.20 -1.84 18.18
N LEU A 26 19.22 -3.14 17.85
CA LEU A 26 18.95 -3.59 16.47
C LEU A 26 20.02 -3.10 15.50
N GLY A 27 19.69 -3.08 14.22
CA GLY A 27 20.69 -2.88 13.22
C GLY A 27 21.76 -3.94 13.31
N SER A 28 23.01 -3.55 13.16
CA SER A 28 24.13 -4.50 13.22
C SER A 28 24.37 -5.08 14.64
N ALA A 29 23.62 -4.61 15.64
CA ALA A 29 23.66 -5.21 16.98
C ALA A 29 22.76 -6.44 17.09
N GLY A 30 22.13 -6.83 15.98
CA GLY A 30 21.29 -8.02 15.99
C GLY A 30 20.06 -7.78 16.85
N THR A 31 19.68 -8.75 17.68
CA THR A 31 18.52 -8.54 18.54
C THR A 31 18.83 -7.80 19.86
N ALA A 32 20.10 -7.43 20.03
CA ALA A 32 20.57 -6.80 21.29
C ALA A 32 20.00 -5.39 21.46
N TRP A 33 19.65 -5.08 22.71
CA TRP A 33 19.33 -3.74 23.14
C TRP A 33 20.22 -3.39 24.33
N TYR A 34 20.55 -2.11 24.45
CA TYR A 34 21.32 -1.60 25.58
C TYR A 34 20.74 -0.29 26.08
N LYS A 35 20.99 0.01 27.36
CA LYS A 35 20.65 1.34 27.88
C LYS A 35 21.86 1.98 28.54
N LEU A 36 21.81 3.30 28.66
CA LEU A 36 22.91 4.04 29.28
C LEU A 36 22.32 5.18 30.07
N ASP A 37 22.83 5.36 31.28
CA ASP A 37 22.38 6.46 32.14
C ASP A 37 23.37 7.58 31.93
N THR A 38 22.91 8.66 31.30
CA THR A 38 23.80 9.76 30.92
C THR A 38 24.24 10.61 32.11
N GLN A 39 23.62 10.39 33.27
CA GLN A 39 23.99 11.11 34.52
C GLN A 39 25.10 10.43 35.34
N ALA A 40 25.34 9.14 35.13
CA ALA A 40 26.43 8.42 35.82
C ALA A 40 27.79 9.03 35.51
N LYS A 41 28.73 8.97 36.46
CA LYS A 41 30.08 9.51 36.22
C LYS A 41 30.89 8.54 35.38
N ASP A 42 30.73 7.25 35.65
CA ASP A 42 31.21 6.20 34.76
C ASP A 42 30.00 5.75 33.93
N LYS A 43 29.80 6.41 32.80
CA LYS A 43 28.73 6.01 31.88
C LYS A 43 29.05 4.63 31.31
N LYS A 44 28.03 3.77 31.21
CA LYS A 44 28.20 2.47 30.55
C LYS A 44 26.93 1.95 29.88
N TRP A 45 27.11 1.04 28.94
CA TRP A 45 26.00 0.36 28.29
C TRP A 45 25.65 -0.89 29.08
N THR A 46 24.37 -1.01 29.42
CA THR A 46 23.85 -2.16 30.14
C THR A 46 22.93 -2.97 29.23
N ALA A 47 23.23 -4.26 29.08
CA ALA A 47 22.44 -5.14 28.22
C ALA A 47 21.01 -5.29 28.72
N LEU A 48 20.06 -5.24 27.80
CA LEU A 48 18.66 -5.43 28.11
C LEU A 48 18.19 -6.76 27.52
N ALA A 49 16.92 -7.09 27.79
CA ALA A 49 16.26 -8.24 27.19
C ALA A 49 16.34 -8.10 25.67
N ALA A 50 16.64 -9.21 25.01
CA ALA A 50 16.75 -9.24 23.55
C ALA A 50 15.39 -9.05 22.88
N PHE A 51 15.43 -8.40 21.71
CA PHE A 51 14.25 -8.17 20.90
C PHE A 51 13.74 -9.50 20.32
N PRO A 52 12.45 -9.81 20.52
CA PRO A 52 11.95 -11.13 20.12
C PRO A 52 11.53 -11.26 18.65
N GLY A 53 11.56 -10.15 17.91
CA GLY A 53 11.15 -10.13 16.51
C GLY A 53 12.22 -10.42 15.48
N GLY A 54 13.39 -10.86 15.92
CA GLY A 54 14.55 -11.12 15.06
C GLY A 54 15.25 -9.82 14.71
N PRO A 55 16.44 -9.92 14.08
CA PRO A 55 17.17 -8.72 13.69
C PRO A 55 16.36 -7.83 12.76
N ARG A 56 16.49 -6.50 12.93
CA ARG A 56 15.82 -5.53 12.08
C ARG A 56 16.74 -4.39 11.71
N ASP A 57 16.86 -4.09 10.43
CA ASP A 57 17.54 -2.91 9.94
C ASP A 57 16.49 -1.86 9.61
N GLN A 58 16.80 -0.59 9.88
N GLN A 58 16.81 -0.60 9.91
CA GLN A 58 15.92 0.52 9.55
CA GLN A 58 15.96 0.52 9.56
C GLN A 58 14.55 0.48 10.27
C GLN A 58 14.58 0.50 10.27
N ALA A 59 14.56 -0.07 11.48
CA ALA A 59 13.40 0.08 12.34
C ALA A 59 13.42 1.47 12.91
N THR A 60 12.29 1.86 13.48
CA THR A 60 12.23 3.12 14.23
C THR A 60 11.73 2.83 15.64
N SER A 61 11.80 3.84 16.49
CA SER A 61 11.30 3.67 17.85
CA SER A 61 11.44 3.72 17.92
C SER A 61 10.75 4.99 18.38
N ALA A 62 9.91 4.87 19.40
CA ALA A 62 9.32 6.02 20.10
C ALA A 62 9.14 5.66 21.55
N PHE A 63 9.53 6.56 22.45
CA PHE A 63 9.29 6.36 23.86
C PHE A 63 8.06 7.19 24.25
N ILE A 64 7.01 6.54 24.72
CA ILE A 64 5.74 7.21 25.01
C ILE A 64 5.18 6.64 26.31
N ASP A 65 4.89 7.52 27.27
CA ASP A 65 4.28 7.13 28.56
C ASP A 65 4.95 5.91 29.22
N GLY A 66 6.27 5.99 29.37
CA GLY A 66 7.00 5.01 30.14
C GLY A 66 7.34 3.73 29.43
N ASN A 67 7.04 3.63 28.12
CA ASN A 67 7.31 2.41 27.39
C ASN A 67 7.95 2.73 26.06
N LEU A 68 8.80 1.82 25.60
CA LEU A 68 9.53 1.97 24.35
C LEU A 68 8.81 1.16 23.30
N TYR A 69 8.48 1.79 22.17
CA TYR A 69 7.83 1.11 21.05
C TYR A 69 8.76 1.06 19.84
N VAL A 70 8.79 -0.10 19.17
CA VAL A 70 9.67 -0.35 18.03
C VAL A 70 8.81 -0.71 16.82
N PHE A 71 9.05 -0.03 15.68
CA PHE A 71 8.16 -0.13 14.50
C PHE A 71 8.92 -0.69 13.28
N GLY A 72 8.45 -1.82 12.75
CA GLY A 72 8.88 -2.30 11.45
C GLY A 72 10.33 -2.68 11.33
N GLY A 73 10.95 -2.33 10.21
CA GLY A 73 12.31 -2.69 9.91
C GLY A 73 12.37 -3.79 8.86
N ILE A 74 13.58 -4.08 8.44
CA ILE A 74 13.87 -5.11 7.43
C ILE A 74 14.55 -6.29 8.14
N GLY A 75 14.08 -7.49 7.87
CA GLY A 75 14.64 -8.67 8.48
C GLY A 75 14.13 -9.88 7.72
N LYS A 76 14.28 -11.05 8.31
CA LYS A 76 13.92 -12.30 7.62
C LYS A 76 12.60 -12.86 8.07
N ASN A 77 11.82 -13.35 7.10
CA ASN A 77 10.57 -14.07 7.40
C ASN A 77 10.85 -15.51 7.82
N SER A 78 9.80 -16.27 8.10
CA SER A 78 9.92 -17.67 8.55
C SER A 78 10.72 -18.58 7.61
N GLU A 79 10.71 -18.23 6.33
CA GLU A 79 11.41 -18.99 5.30
C GLU A 79 12.77 -18.41 4.91
N GLY A 80 13.24 -17.39 5.62
CA GLY A 80 14.61 -16.91 5.47
C GLY A 80 14.79 -15.83 4.41
N LEU A 81 13.69 -15.35 3.85
CA LEU A 81 13.72 -14.26 2.86
C LEU A 81 13.67 -12.90 3.56
N THR A 82 14.46 -11.99 3.04
CA THR A 82 14.46 -10.60 3.50
C THR A 82 13.15 -9.94 3.13
N GLN A 83 12.60 -9.20 4.08
CA GLN A 83 11.31 -8.56 3.90
C GLN A 83 11.20 -7.37 4.82
N VAL A 84 10.16 -6.58 4.54
N VAL A 84 10.25 -6.50 4.53
CA VAL A 84 9.73 -5.41 5.34
CA VAL A 84 9.92 -5.41 5.43
C VAL A 84 8.62 -5.78 6.29
C VAL A 84 8.81 -5.93 6.35
N PHE A 85 8.78 -5.42 7.57
CA PHE A 85 7.78 -5.70 8.56
C PHE A 85 6.82 -4.54 8.77
N ASN A 86 5.63 -4.82 9.31
CA ASN A 86 4.64 -3.79 9.61
C ASN A 86 4.17 -3.82 11.05
N ASP A 87 5.02 -4.34 11.92
CA ASP A 87 4.62 -4.66 13.28
C ASP A 87 5.14 -3.66 14.32
N VAL A 88 4.63 -3.84 15.54
CA VAL A 88 5.00 -2.98 16.67
C VAL A 88 5.30 -3.90 17.84
N HIS A 89 6.44 -3.65 18.48
CA HIS A 89 6.77 -4.29 19.76
C HIS A 89 6.85 -3.22 20.83
N LYS A 90 6.55 -3.63 22.06
CA LYS A 90 6.61 -2.74 23.22
C LYS A 90 7.58 -3.32 24.26
N TYR A 91 8.52 -2.49 24.71
CA TYR A 91 9.48 -2.86 25.76
C TYR A 91 9.14 -2.07 27.02
N ASN A 92 8.97 -2.77 28.12
CA ASN A 92 8.69 -2.14 29.42
C ASN A 92 10.00 -2.10 30.19
N PRO A 93 10.58 -0.90 30.36
CA PRO A 93 11.90 -0.83 31.01
C PRO A 93 11.89 -1.25 32.50
N LYS A 94 10.74 -1.19 33.14
CA LYS A 94 10.60 -1.60 34.56
C LYS A 94 10.72 -3.11 34.74
N THR A 95 10.09 -3.87 33.84
CA THR A 95 10.16 -5.32 33.89
C THR A 95 11.23 -5.90 32.96
N ASN A 96 11.86 -5.06 32.15
CA ASN A 96 12.87 -5.52 31.19
C ASN A 96 12.34 -6.64 30.31
N SER A 97 11.14 -6.43 29.77
CA SER A 97 10.44 -7.44 28.96
C SER A 97 9.81 -6.83 27.70
N TRP A 98 9.80 -7.63 26.64
CA TRP A 98 9.21 -7.23 25.35
C TRP A 98 7.89 -7.97 25.12
N VAL A 99 6.99 -7.33 24.38
CA VAL A 99 5.82 -8.05 23.83
C VAL A 99 5.56 -7.55 22.43
N LYS A 100 5.17 -8.46 21.54
CA LYS A 100 4.68 -8.07 20.21
C LYS A 100 3.22 -7.68 20.36
N LEU A 101 2.86 -6.50 19.88
CA LEU A 101 1.49 -6.04 19.94
C LEU A 101 0.65 -6.61 18.81
N MSE A 102 -0.63 -6.83 19.07
CA MSE A 102 -1.59 -7.16 18.02
C MSE A 102 -2.02 -5.84 17.41
O MSE A 102 -2.94 -5.19 17.86
CB MSE A 102 -2.80 -7.93 18.57
CG MSE A 102 -3.88 -8.22 17.57
SE MSE A 102 -5.23 -9.47 18.21
CE MSE A 102 -4.18 -11.12 18.09
N SER A 103 -1.33 -5.46 16.34
CA SER A 103 -1.48 -4.16 15.72
C SER A 103 -0.93 -4.28 14.31
N HIS A 104 -1.70 -3.81 13.34
CA HIS A 104 -1.36 -3.97 11.93
C HIS A 104 -1.26 -2.63 11.20
N ALA A 105 -0.03 -2.15 11.00
CA ALA A 105 0.16 -0.90 10.26
C ALA A 105 -0.27 -1.12 8.80
N PRO A 106 -0.96 -0.14 8.19
CA PRO A 106 -1.44 -0.33 6.84
C PRO A 106 -0.37 -0.37 5.75
N MSE A 107 0.83 0.08 6.06
CA MSE A 107 1.99 -0.06 5.17
C MSE A 107 3.11 -0.76 5.89
O MSE A 107 3.21 -0.67 7.12
CB MSE A 107 2.48 1.32 4.70
CG MSE A 107 1.63 1.96 3.59
SE MSE A 107 0.14 2.89 4.40
CE MSE A 107 -1.15 2.55 3.02
N GLY A 108 3.95 -1.46 5.15
CA GLY A 108 5.23 -1.88 5.67
C GLY A 108 6.02 -0.66 6.08
N MSE A 109 7.00 -0.86 6.96
CA MSE A 109 7.77 0.26 7.48
C MSE A 109 9.25 -0.04 7.47
O MSE A 109 9.78 -0.65 8.39
CB MSE A 109 7.26 0.56 8.90
CG MSE A 109 5.86 1.10 8.96
SE MSE A 109 5.24 1.43 10.80
CE MSE A 109 5.07 -0.45 11.32
N ALA A 110 9.94 0.43 6.42
CA ALA A 110 11.38 0.42 6.36
C ALA A 110 11.84 1.62 5.58
N GLY A 111 12.70 2.44 6.17
CA GLY A 111 13.05 3.72 5.59
C GLY A 111 12.10 4.81 6.05
N HIS A 112 11.11 4.43 6.83
CA HIS A 112 10.19 5.36 7.47
C HIS A 112 10.90 6.19 8.54
N VAL A 113 10.22 7.27 8.93
CA VAL A 113 10.61 8.02 10.10
C VAL A 113 9.52 7.82 11.15
N THR A 114 9.84 8.13 12.41
CA THR A 114 8.82 8.17 13.45
C THR A 114 9.12 9.31 14.42
N PHE A 115 8.06 10.00 14.81
CA PHE A 115 8.17 11.10 15.81
C PHE A 115 6.94 11.07 16.68
N VAL A 116 7.07 11.65 17.88
CA VAL A 116 6.01 11.65 18.86
C VAL A 116 5.37 13.04 18.89
N HIS A 117 4.05 13.07 18.85
CA HIS A 117 3.31 14.31 19.00
C HIS A 117 2.01 14.02 19.72
N ASN A 118 1.77 14.77 20.79
CA ASN A 118 0.58 14.60 21.61
C ASN A 118 0.33 13.14 21.97
N GLY A 119 1.37 12.46 22.43
CA GLY A 119 1.27 11.13 22.95
C GLY A 119 1.02 10.03 21.92
N LYS A 120 1.16 10.34 20.63
CA LYS A 120 0.98 9.35 19.55
C LYS A 120 2.28 9.28 18.78
N ALA A 121 2.52 8.11 18.17
CA ALA A 121 3.66 7.89 17.30
C ALA A 121 3.19 8.13 15.87
N TYR A 122 3.87 9.06 15.18
CA TYR A 122 3.55 9.42 13.80
C TYR A 122 4.59 8.81 12.89
N VAL A 123 4.12 8.16 11.83
CA VAL A 123 5.00 7.50 10.87
C VAL A 123 4.69 8.00 9.45
N THR A 124 5.76 8.27 8.71
CA THR A 124 5.65 8.49 7.29
C THR A 124 6.92 8.00 6.60
N GLY A 125 6.86 7.87 5.28
CA GLY A 125 8.00 7.44 4.52
C GLY A 125 8.10 5.94 4.48
N GLY A 126 9.12 5.50 3.76
CA GLY A 126 9.46 4.09 3.64
C GLY A 126 9.17 3.51 2.28
N VAL A 127 9.83 2.38 2.02
CA VAL A 127 9.61 1.61 0.80
C VAL A 127 8.21 1.01 0.74
N ASN A 128 7.81 0.58 -0.46
CA ASN A 128 6.60 -0.15 -0.65
C ASN A 128 6.89 -1.63 -0.34
N GLN A 129 6.10 -2.21 0.55
CA GLN A 129 6.41 -3.56 0.99
CA GLN A 129 6.28 -3.57 1.00
C GLN A 129 6.33 -4.58 -0.16
N ASN A 130 5.37 -4.47 -1.05
CA ASN A 130 5.25 -5.46 -2.14
C ASN A 130 6.39 -5.38 -3.13
N ILE A 131 6.82 -4.17 -3.45
CA ILE A 131 7.94 -4.02 -4.39
C ILE A 131 9.26 -4.50 -3.75
N PHE A 132 9.50 -4.09 -2.51
CA PHE A 132 10.70 -4.48 -1.80
C PHE A 132 10.72 -6.00 -1.57
N ASN A 133 9.63 -6.56 -1.05
CA ASN A 133 9.59 -8.00 -0.75
C ASN A 133 9.70 -8.75 -2.06
N GLY A 134 9.05 -8.26 -3.10
CA GLY A 134 9.05 -8.94 -4.40
C GLY A 134 10.43 -9.10 -4.98
N TYR A 135 11.27 -8.08 -4.79
CA TYR A 135 12.66 -8.13 -5.26
C TYR A 135 13.41 -9.32 -4.67
N PHE A 136 13.34 -9.51 -3.37
CA PHE A 136 14.01 -10.61 -2.73
C PHE A 136 13.36 -11.94 -3.06
N GLU A 137 12.06 -11.95 -3.26
CA GLU A 137 11.42 -13.18 -3.72
C GLU A 137 11.96 -13.57 -5.08
N ASP A 138 12.10 -12.61 -5.97
CA ASP A 138 12.56 -12.89 -7.33
C ASP A 138 13.99 -13.36 -7.32
N LEU A 139 14.86 -12.69 -6.58
CA LEU A 139 16.26 -13.15 -6.46
C LEU A 139 16.32 -14.56 -5.85
N ASN A 140 15.45 -14.89 -4.91
CA ASN A 140 15.42 -16.27 -4.36
C ASN A 140 15.01 -17.28 -5.42
N GLU A 141 14.04 -16.93 -6.24
CA GLU A 141 13.59 -17.85 -7.30
C GLU A 141 14.71 -18.05 -8.32
N ALA A 142 15.41 -16.97 -8.66
CA ALA A 142 16.42 -16.99 -9.73
C ALA A 142 17.62 -17.84 -9.36
N GLY A 143 18.01 -17.83 -8.09
CA GLY A 143 19.13 -18.66 -7.62
C GLY A 143 20.45 -18.18 -8.17
N LYS A 144 21.18 -19.10 -8.82
CA LYS A 144 22.49 -18.81 -9.40
C LYS A 144 22.43 -18.36 -10.88
N ASP A 145 21.22 -18.20 -11.43
CA ASP A 145 21.02 -17.81 -12.82
C ASP A 145 21.30 -16.31 -13.06
N SER A 146 22.50 -16.00 -13.53
CA SER A 146 22.91 -14.61 -13.79
C SER A 146 22.01 -13.90 -14.78
N THR A 147 21.55 -14.61 -15.80
CA THR A 147 20.69 -13.99 -16.81
C THR A 147 19.40 -13.48 -16.16
N ALA A 148 18.83 -14.32 -15.31
CA ALA A 148 17.58 -13.98 -14.60
C ALA A 148 17.81 -12.84 -13.61
N ILE A 149 18.91 -12.90 -12.88
CA ILE A 149 19.29 -11.84 -11.93
C ILE A 149 19.42 -10.49 -12.64
N ASP A 150 20.14 -10.49 -13.76
CA ASP A 150 20.29 -9.27 -14.53
C ASP A 150 18.95 -8.69 -14.98
N LYS A 151 18.05 -9.56 -15.42
CA LYS A 151 16.71 -9.14 -15.85
C LYS A 151 15.91 -8.55 -14.67
N ILE A 152 15.96 -9.22 -13.51
CA ILE A 152 15.28 -8.73 -12.29
C ILE A 152 15.78 -7.33 -11.93
N ASN A 153 17.10 -7.19 -11.88
CA ASN A 153 17.70 -5.89 -11.59
C ASN A 153 17.35 -4.83 -12.63
N ALA A 154 17.39 -5.17 -13.91
CA ALA A 154 17.05 -4.19 -14.95
C ALA A 154 15.63 -3.67 -14.77
N HIS A 155 14.67 -4.57 -14.57
CA HIS A 155 13.29 -4.17 -14.37
C HIS A 155 13.19 -3.32 -13.10
N TYR A 156 13.90 -3.73 -12.05
CA TYR A 156 13.71 -3.09 -10.73
C TYR A 156 14.13 -1.64 -10.77
N PHE A 157 15.27 -1.37 -11.40
CA PHE A 157 15.86 -0.04 -11.35
C PHE A 157 15.35 0.91 -12.44
N ASP A 158 14.75 0.37 -13.50
CA ASP A 158 14.34 1.17 -14.64
C ASP A 158 12.89 1.57 -14.48
N LYS A 159 12.61 2.38 -13.46
CA LYS A 159 11.28 2.91 -13.26
C LYS A 159 11.41 4.37 -12.84
N LYS A 160 10.35 5.14 -13.07
CA LYS A 160 10.27 6.50 -12.55
C LYS A 160 10.06 6.44 -11.04
N ALA A 161 10.44 7.48 -10.32
CA ALA A 161 10.36 7.48 -8.84
C ALA A 161 8.96 7.14 -8.34
N GLU A 162 7.94 7.66 -9.02
CA GLU A 162 6.55 7.48 -8.64
CA GLU A 162 6.56 7.47 -8.61
C GLU A 162 6.14 6.00 -8.67
N ASP A 163 6.84 5.22 -9.48
CA ASP A 163 6.49 3.82 -9.65
C ASP A 163 6.93 2.96 -8.47
N TYR A 164 7.70 3.52 -7.53
CA TYR A 164 8.11 2.75 -6.34
C TYR A 164 7.18 2.92 -5.15
N PHE A 165 6.25 3.85 -5.22
CA PHE A 165 5.21 3.98 -4.19
C PHE A 165 5.80 4.07 -2.78
N PHE A 166 6.87 4.85 -2.62
CA PHE A 166 7.36 5.19 -1.29
C PHE A 166 6.19 5.88 -0.55
N ASN A 167 6.08 5.65 0.74
CA ASN A 167 4.87 6.02 1.49
C ASN A 167 4.79 7.51 1.79
N LYS A 168 3.82 8.17 1.16
CA LYS A 168 3.60 9.59 1.38
C LYS A 168 2.54 9.85 2.43
N PHE A 169 1.85 8.81 2.90
N PHE A 169 1.89 8.80 2.93
CA PHE A 169 0.84 8.97 3.94
CA PHE A 169 0.87 8.95 3.96
C PHE A 169 1.49 9.23 5.30
C PHE A 169 1.48 9.18 5.33
N LEU A 170 0.74 9.90 6.17
CA LEU A 170 1.11 10.11 7.56
C LEU A 170 0.14 9.25 8.38
N LEU A 171 0.73 8.34 9.14
CA LEU A 171 0.00 7.36 9.96
C LEU A 171 0.19 7.77 11.43
N SER A 172 -0.81 7.53 12.27
CA SER A 172 -0.62 7.70 13.72
C SER A 172 -0.99 6.44 14.47
N PHE A 173 -0.13 6.08 15.41
CA PHE A 173 -0.32 4.94 16.30
C PHE A 173 -0.59 5.48 17.70
N ASP A 174 -1.69 5.04 18.30
CA ASP A 174 -2.07 5.47 19.67
C ASP A 174 -1.78 4.32 20.62
N PRO A 175 -0.78 4.48 21.50
CA PRO A 175 -0.39 3.42 22.43
C PRO A 175 -1.55 2.93 23.29
N SER A 176 -2.54 3.77 23.49
CA SER A 176 -3.67 3.49 24.38
C SER A 176 -4.65 2.49 23.78
N THR A 177 -4.66 2.42 22.44
CA THR A 177 -5.59 1.57 21.70
C THR A 177 -4.86 0.53 20.85
N GLN A 178 -3.59 0.83 20.57
CA GLN A 178 -2.73 0.03 19.67
C GLN A 178 -3.19 0.03 18.23
N GLN A 179 -4.03 0.99 17.87
CA GLN A 179 -4.58 1.09 16.52
C GLN A 179 -3.88 2.15 15.75
N TRP A 180 -4.00 1.99 14.44
CA TRP A 180 -3.43 2.90 13.44
C TRP A 180 -4.49 3.71 12.75
N SER A 181 -4.22 5.00 12.59
CA SER A 181 -5.15 5.92 11.94
C SER A 181 -4.51 6.70 10.80
N TYR A 182 -5.34 7.09 9.84
CA TYR A 182 -4.96 8.07 8.82
C TYR A 182 -4.78 9.44 9.48
N ALA A 183 -3.60 10.04 9.36
CA ALA A 183 -3.34 11.39 9.93
C ALA A 183 -3.13 12.46 8.87
N GLY A 184 -2.94 12.07 7.62
CA GLY A 184 -2.74 13.00 6.52
C GLY A 184 -1.89 12.41 5.43
N GLU A 185 -1.43 13.27 4.53
CA GLU A 185 -0.55 12.82 3.49
C GLU A 185 0.18 13.98 2.87
N SER A 186 1.38 13.70 2.40
CA SER A 186 2.19 14.71 1.75
C SER A 186 1.57 15.17 0.43
N PRO A 187 1.55 16.49 0.18
CA PRO A 187 1.19 16.99 -1.14
C PRO A 187 2.22 16.67 -2.21
N TRP A 188 3.39 16.18 -1.80
CA TRP A 188 4.49 15.94 -2.74
C TRP A 188 4.72 14.43 -2.95
N TYR A 189 5.69 13.87 -2.26
CA TYR A 189 6.04 12.47 -2.47
C TYR A 189 6.67 11.93 -1.19
N GLY A 190 6.67 10.61 -1.06
CA GLY A 190 7.33 9.97 0.06
C GLY A 190 8.80 9.72 -0.20
N THR A 191 9.54 9.52 0.87
CA THR A 191 10.93 9.17 0.79
C THR A 191 11.26 8.00 1.70
N ALA A 192 12.41 7.38 1.47
CA ALA A 192 12.97 6.39 2.38
C ALA A 192 14.31 6.90 2.87
N GLY A 193 14.53 6.91 4.18
CA GLY A 193 15.77 7.40 4.72
C GLY A 193 15.89 8.90 4.93
N ALA A 194 14.76 9.60 5.00
CA ALA A 194 14.75 11.00 5.42
C ALA A 194 15.18 11.08 6.87
N ALA A 195 15.74 12.21 7.26
CA ALA A 195 16.03 12.46 8.66
C ALA A 195 14.87 13.28 9.23
N VAL A 196 14.48 12.98 10.46
CA VAL A 196 13.33 13.66 11.08
C VAL A 196 13.76 14.38 12.35
N VAL A 197 13.17 15.56 12.55
CA VAL A 197 13.36 16.35 13.77
C VAL A 197 11.99 16.91 14.15
N ASN A 198 11.61 16.76 15.42
CA ASN A 198 10.34 17.34 15.89
C ASN A 198 10.61 18.27 17.06
N LYS A 199 9.94 19.42 17.05
CA LYS A 199 9.97 20.35 18.17
C LYS A 199 8.60 20.99 18.26
N GLY A 200 7.87 20.66 19.32
CA GLY A 200 6.55 21.21 19.51
C GLY A 200 5.63 20.75 18.42
N ASP A 201 4.95 21.68 17.78
CA ASP A 201 3.97 21.36 16.77
C ASP A 201 4.57 21.37 15.39
N LYS A 202 5.89 21.36 15.30
CA LYS A 202 6.54 21.36 13.99
C LYS A 202 7.47 20.16 13.83
N THR A 203 7.44 19.58 12.65
CA THR A 203 8.32 18.45 12.34
C THR A 203 8.94 18.68 10.97
N TRP A 204 10.23 18.36 10.86
CA TRP A 204 10.97 18.52 9.59
C TRP A 204 11.41 17.15 9.10
N LEU A 205 11.26 16.95 7.79
CA LEU A 205 11.67 15.74 7.07
C LEU A 205 12.70 16.16 6.05
N ILE A 206 13.94 15.72 6.23
CA ILE A 206 15.05 16.21 5.42
C ILE A 206 15.66 15.14 4.52
N ASN A 207 15.62 15.41 3.22
CA ASN A 207 16.26 14.56 2.21
C ASN A 207 15.67 13.16 2.22
N GLY A 208 16.46 12.13 1.93
CA GLY A 208 15.90 10.80 1.74
C GLY A 208 15.95 10.37 0.30
N GLU A 209 15.79 9.08 0.10
CA GLU A 209 15.65 8.50 -1.24
C GLU A 209 14.26 8.76 -1.76
N ALA A 210 14.16 9.23 -3.00
CA ALA A 210 12.90 9.35 -3.71
C ALA A 210 12.57 8.03 -4.43
N LYS A 211 13.61 7.27 -4.72
CA LYS A 211 13.48 5.90 -5.24
C LYS A 211 14.81 5.22 -4.98
N PRO A 212 14.91 3.90 -5.16
CA PRO A 212 16.22 3.29 -4.97
C PRO A 212 17.31 3.92 -5.84
N GLY A 213 18.34 4.48 -5.23
CA GLY A 213 19.47 5.06 -5.98
C GLY A 213 19.33 6.52 -6.36
N LEU A 214 18.23 7.16 -5.96
CA LEU A 214 18.00 8.58 -6.25
C LEU A 214 17.51 9.25 -4.98
N ARG A 215 18.22 10.28 -4.54
CA ARG A 215 17.83 11.04 -3.36
C ARG A 215 17.22 12.38 -3.72
N THR A 216 16.54 12.97 -2.76
CA THR A 216 16.02 14.30 -2.91
C THR A 216 16.78 15.24 -1.97
N ASP A 217 16.91 16.49 -2.41
CA ASP A 217 17.46 17.56 -1.59
C ASP A 217 16.34 18.31 -0.85
N ALA A 218 15.11 17.82 -0.96
CA ALA A 218 13.96 18.48 -0.37
C ALA A 218 13.97 18.49 1.15
N VAL A 219 13.32 19.51 1.70
CA VAL A 219 13.10 19.64 3.14
C VAL A 219 11.64 19.98 3.32
N PHE A 220 10.91 19.16 4.07
CA PHE A 220 9.50 19.36 4.29
C PHE A 220 9.27 19.73 5.75
N GLU A 221 8.25 20.55 5.98
CA GLU A 221 7.89 20.99 7.33
C GLU A 221 6.43 20.69 7.56
N LEU A 222 6.16 19.89 8.59
CA LEU A 222 4.80 19.57 9.01
C LEU A 222 4.47 20.48 10.20
N ASP A 223 3.34 21.16 10.11
CA ASP A 223 2.92 22.11 11.15
C ASP A 223 1.59 21.68 11.75
N PHE A 224 1.63 21.26 13.02
CA PHE A 224 0.44 20.80 13.77
C PHE A 224 -0.26 21.93 14.57
N THR A 225 0.22 23.17 14.41
CA THR A 225 -0.40 24.36 15.02
C THR A 225 -1.57 24.86 14.18
N LEU A 229 -3.24 20.13 10.36
CA LEU A 229 -1.91 19.83 9.83
C LEU A 229 -1.69 20.57 8.52
N LYS A 230 -0.58 21.30 8.41
CA LYS A 230 -0.20 21.94 7.17
C LYS A 230 1.18 21.45 6.76
N TRP A 231 1.37 21.31 5.44
CA TRP A 231 2.62 20.77 4.87
C TRP A 231 3.29 21.87 4.09
N ASN A 232 4.55 22.15 4.42
CA ASN A 232 5.31 23.19 3.77
C ASN A 232 6.58 22.62 3.16
N LYS A 233 7.01 23.18 2.03
CA LYS A 233 8.30 22.84 1.44
C LYS A 233 9.27 23.98 1.75
N LEU A 234 10.39 23.69 2.41
CA LEU A 234 11.40 24.71 2.72
C LEU A 234 12.45 24.74 1.62
N ALA A 235 13.44 25.63 1.76
CA ALA A 235 14.59 25.61 0.87
C ALA A 235 15.27 24.25 0.96
N PRO A 236 15.72 23.71 -0.18
CA PRO A 236 16.41 22.43 -0.15
C PRO A 236 17.79 22.47 0.49
N VAL A 237 18.33 21.31 0.83
CA VAL A 237 19.66 21.21 1.43
C VAL A 237 20.36 19.99 0.82
N SER A 238 21.69 20.06 0.72
CA SER A 238 22.51 19.02 0.05
C SER A 238 22.21 18.95 -1.45
N SER A 239 21.90 20.10 -2.05
CA SER A 239 21.62 20.19 -3.49
C SER A 239 22.87 19.95 -4.32
N PRO A 240 22.69 19.45 -5.55
CA PRO A 240 21.46 19.07 -6.22
C PRO A 240 21.00 17.62 -6.01
N ASP A 241 21.89 16.78 -5.48
CA ASP A 241 21.65 15.33 -5.42
C ASP A 241 20.93 14.82 -4.16
N GLY A 242 21.20 15.42 -3.00
CA GLY A 242 20.62 14.97 -1.72
C GLY A 242 21.38 13.81 -1.11
N VAL A 243 20.99 13.43 0.10
CA VAL A 243 21.55 12.27 0.78
C VAL A 243 20.39 11.47 1.37
N ALA A 244 20.70 10.29 1.89
CA ALA A 244 19.75 9.57 2.72
C ALA A 244 20.52 9.03 3.92
N GLY A 245 19.80 8.76 5.00
CA GLY A 245 20.42 8.28 6.21
C GLY A 245 21.19 9.33 6.99
N GLY A 246 20.85 10.60 6.78
CA GLY A 246 21.54 11.69 7.49
C GLY A 246 20.98 11.82 8.90
N PHE A 247 21.58 12.75 9.64
CA PHE A 247 21.26 12.99 11.05
C PHE A 247 20.70 14.38 11.17
N ALA A 248 19.65 14.55 11.97
CA ALA A 248 19.02 15.86 12.09
C ALA A 248 18.69 16.11 13.54
N GLY A 249 18.77 17.38 13.94
CA GLY A 249 18.38 17.77 15.29
C GLY A 249 18.18 19.26 15.37
N ILE A 250 17.73 19.73 16.54
CA ILE A 250 17.63 21.16 16.83
C ILE A 250 18.64 21.48 17.95
N SER A 251 19.30 22.62 17.84
CA SER A 251 20.16 23.09 18.90
C SER A 251 19.92 24.59 19.01
N ASN A 252 19.46 25.02 20.19
CA ASN A 252 19.28 26.44 20.45
C ASN A 252 18.50 27.09 19.30
N ASP A 253 17.36 26.48 18.96
CA ASP A 253 16.43 26.96 17.92
C ASP A 253 16.91 26.77 16.47
N SER A 254 18.15 26.34 16.25
CA SER A 254 18.68 26.11 14.91
C SER A 254 18.54 24.65 14.51
N LEU A 255 18.08 24.46 13.28
CA LEU A 255 17.82 23.16 12.73
C LEU A 255 19.13 22.71 12.08
N ILE A 256 19.66 21.57 12.54
CA ILE A 256 20.91 21.00 12.04
C ILE A 256 20.57 19.88 11.05
N PHE A 257 21.36 19.73 10.01
CA PHE A 257 21.36 18.50 9.20
C PHE A 257 22.81 18.08 8.94
N ALA A 258 23.18 16.86 9.34
CA ALA A 258 24.55 16.33 9.20
C ALA A 258 24.61 14.98 8.51
N GLY A 259 25.68 14.73 7.76
CA GLY A 259 25.97 13.39 7.23
C GLY A 259 25.00 12.87 6.17
N GLY A 260 24.89 11.55 6.10
CA GLY A 260 24.12 10.88 5.08
C GLY A 260 25.01 10.45 3.93
N ALA A 261 24.45 9.63 3.04
CA ALA A 261 25.19 9.14 1.89
C ALA A 261 24.39 9.38 0.60
N GLY A 262 25.10 9.62 -0.50
CA GLY A 262 24.44 9.85 -1.78
C GLY A 262 25.27 9.40 -2.98
N PHE A 263 24.75 9.70 -4.16
CA PHE A 263 25.42 9.37 -5.42
C PHE A 263 25.49 10.63 -6.26
N LYS A 264 26.66 11.27 -6.23
CA LYS A 264 26.92 12.50 -6.96
C LYS A 264 26.60 12.36 -8.45
N GLY A 265 25.75 13.25 -8.97
CA GLY A 265 25.37 13.25 -10.38
C GLY A 265 24.18 12.38 -10.75
N SER A 266 23.58 11.72 -9.75
CA SER A 266 22.41 10.87 -10.00
C SER A 266 21.18 11.67 -10.40
N ARG A 267 20.95 12.83 -9.76
CA ARG A 267 19.80 13.65 -10.13
C ARG A 267 19.92 14.11 -11.60
N GLU A 268 21.11 14.54 -11.99
CA GLU A 268 21.38 14.92 -13.38
C GLU A 268 21.05 13.75 -14.32
N ASN A 269 21.55 12.55 -14.03
CA ASN A 269 21.24 11.38 -14.85
C ASN A 269 19.73 11.15 -14.94
N TYR A 270 19.05 11.23 -13.80
CA TYR A 270 17.61 11.02 -13.79
C TYR A 270 16.88 12.07 -14.63
N GLN A 271 17.30 13.32 -14.50
CA GLN A 271 16.71 14.42 -15.27
C GLN A 271 16.95 14.25 -16.78
N ASN A 272 18.08 13.65 -17.14
CA ASN A 272 18.40 13.30 -18.52
C ASN A 272 17.79 11.96 -19.00
N GLY A 273 16.91 11.38 -18.18
CA GLY A 273 16.11 10.24 -18.60
C GLY A 273 16.69 8.87 -18.28
N LYS A 274 17.77 8.82 -17.49
CA LYS A 274 18.31 7.55 -17.02
C LYS A 274 17.63 7.21 -15.68
N ASN A 275 16.58 6.40 -15.75
CA ASN A 275 15.88 5.97 -14.52
C ASN A 275 16.81 5.28 -13.53
N TYR A 276 17.72 4.45 -14.03
CA TYR A 276 18.71 3.78 -13.19
C TYR A 276 19.76 4.84 -12.96
N ALA A 277 19.41 5.80 -12.11
CA ALA A 277 20.13 7.06 -12.00
C ALA A 277 21.54 6.95 -11.43
N HIS A 278 21.83 5.89 -10.68
CA HIS A 278 23.09 5.73 -9.95
C HIS A 278 23.95 4.58 -10.50
N GLU A 279 23.55 4.03 -11.65
CA GLU A 279 24.29 2.97 -12.31
C GLU A 279 25.79 3.31 -12.44
N GLY A 280 26.64 2.43 -11.90
CA GLY A 280 28.10 2.56 -11.99
C GLY A 280 28.79 3.28 -10.85
N LEU A 281 28.04 4.03 -10.05
CA LEU A 281 28.63 4.99 -9.11
C LEU A 281 28.96 4.41 -7.76
N LYS A 282 29.89 5.07 -7.09
CA LYS A 282 30.29 4.71 -5.75
C LYS A 282 29.52 5.64 -4.82
N LYS A 283 29.16 5.12 -3.65
CA LYS A 283 28.46 5.90 -2.65
C LYS A 283 29.48 6.90 -2.10
N SER A 284 29.04 8.11 -1.76
CA SER A 284 29.87 9.03 -0.99
C SER A 284 29.16 9.29 0.33
N TYR A 285 29.93 9.34 1.41
CA TYR A 285 29.37 9.62 2.74
C TYR A 285 29.74 11.03 3.10
N SER A 286 28.74 11.82 3.48
CA SER A 286 28.94 13.25 3.72
C SER A 286 29.49 13.58 5.11
N THR A 287 30.46 14.48 5.13
CA THR A 287 30.90 15.14 6.36
C THR A 287 30.21 16.50 6.57
N ASP A 288 29.39 16.93 5.63
CA ASP A 288 28.79 18.28 5.73
C ASP A 288 27.87 18.41 6.94
N ILE A 289 27.87 19.59 7.55
CA ILE A 289 26.88 19.98 8.54
C ILE A 289 26.27 21.29 8.06
N HIS A 290 24.95 21.33 7.94
N HIS A 290 24.95 21.36 8.00
CA HIS A 290 24.22 22.50 7.45
CA HIS A 290 24.26 22.55 7.51
C HIS A 290 23.37 23.04 8.61
C HIS A 290 23.25 23.05 8.53
N LEU A 291 23.22 24.37 8.69
CA LEU A 291 22.25 25.02 9.57
C LEU A 291 21.29 25.86 8.74
N TRP A 292 20.02 25.89 9.14
CA TRP A 292 19.00 26.60 8.39
C TRP A 292 18.84 28.03 8.99
N HIS A 293 19.02 29.05 8.16
CA HIS A 293 18.96 30.46 8.59
C HIS A 293 18.65 31.41 7.43
N TRP A 297 19.87 27.55 3.82
CA TRP A 297 20.79 26.65 4.52
C TRP A 297 22.25 27.04 4.32
N ASP A 298 23.01 27.07 5.41
CA ASP A 298 24.43 27.40 5.37
C ASP A 298 25.28 26.25 5.90
N LYS A 299 26.30 25.85 5.15
CA LYS A 299 27.28 24.90 5.66
C LYS A 299 28.05 25.54 6.82
N SER A 300 28.06 24.87 7.97
CA SER A 300 28.60 25.47 9.22
C SER A 300 29.66 24.65 9.92
N GLY A 301 29.99 23.47 9.42
CA GLY A 301 30.98 22.64 10.08
C GLY A 301 31.24 21.37 9.31
N GLU A 302 32.02 20.48 9.91
CA GLU A 302 32.36 19.23 9.24
C GLU A 302 32.61 18.10 10.25
N LEU A 303 32.05 16.94 9.95
CA LEU A 303 32.39 15.74 10.68
C LEU A 303 33.79 15.32 10.27
N SER A 304 34.46 14.55 11.14
CA SER A 304 35.81 14.04 10.85
C SER A 304 35.81 12.92 9.81
N GLN A 305 34.65 12.29 9.62
N GLN A 305 34.66 12.28 9.64
CA GLN A 305 34.49 11.23 8.65
CA GLN A 305 34.50 11.24 8.63
C GLN A 305 33.02 11.19 8.23
C GLN A 305 33.03 11.17 8.24
N GLY A 306 32.77 10.81 6.98
CA GLY A 306 31.42 10.71 6.48
C GLY A 306 30.69 9.61 7.22
N ARG A 307 29.42 9.84 7.49
CA ARG A 307 28.64 8.94 8.34
C ARG A 307 27.17 9.00 7.95
N ALA A 308 26.52 7.84 7.98
CA ALA A 308 25.09 7.74 7.67
C ALA A 308 24.49 6.56 8.45
N TYR A 309 23.17 6.54 8.59
CA TYR A 309 22.51 5.33 9.13
C TYR A 309 22.98 4.94 10.52
N GLY A 310 22.93 5.93 11.40
CA GLY A 310 23.09 5.71 12.84
C GLY A 310 21.85 6.20 13.58
N VAL A 311 22.03 6.51 14.86
CA VAL A 311 20.93 6.99 15.70
C VAL A 311 21.15 8.47 16.05
N SER A 312 20.13 9.28 15.84
CA SER A 312 20.13 10.71 16.22
C SER A 312 19.22 10.88 17.39
N LEU A 313 19.68 11.60 18.41
CA LEU A 313 18.85 11.90 19.56
C LEU A 313 19.10 13.33 20.05
N PRO A 314 18.05 13.97 20.60
CA PRO A 314 18.21 15.25 21.26
C PRO A 314 18.80 15.02 22.63
N TRP A 315 19.86 15.74 22.94
CA TRP A 315 20.46 15.65 24.27
C TRP A 315 21.08 16.98 24.67
N ASN A 316 20.63 17.52 25.79
CA ASN A 316 21.16 18.80 26.29
C ASN A 316 21.26 19.87 25.20
N ASN A 317 20.15 20.13 24.51
CA ASN A 317 20.10 21.16 23.46
C ASN A 317 21.17 20.99 22.38
N SER A 318 21.53 19.72 22.10
CA SER A 318 22.53 19.38 21.11
C SER A 318 22.00 18.19 20.31
N LEU A 319 22.69 17.85 19.25
CA LEU A 319 22.34 16.68 18.44
C LEU A 319 23.38 15.63 18.78
N LEU A 320 22.91 14.52 19.37
CA LEU A 320 23.76 13.38 19.72
C LEU A 320 23.65 12.34 18.61
N ILE A 321 24.79 12.00 18.01
CA ILE A 321 24.86 10.99 16.96
C ILE A 321 25.56 9.75 17.51
N ILE A 322 24.89 8.59 17.44
CA ILE A 322 25.42 7.35 17.97
C ILE A 322 25.58 6.31 16.83
N GLY A 323 26.81 5.81 16.67
CA GLY A 323 27.10 4.79 15.68
C GLY A 323 26.97 5.30 14.26
N GLY A 324 26.71 4.37 13.33
CA GLY A 324 26.49 4.68 11.93
C GLY A 324 27.36 3.82 11.03
N GLU A 325 27.21 4.04 9.74
CA GLU A 325 27.96 3.39 8.70
C GLU A 325 28.88 4.42 8.06
N THR A 326 30.04 3.95 7.62
CA THR A 326 31.05 4.79 6.98
C THR A 326 31.37 4.22 5.60
N ALA A 327 32.17 4.97 4.84
CA ALA A 327 32.52 4.58 3.46
C ALA A 327 33.09 3.18 3.46
N GLY A 328 32.66 2.37 2.51
CA GLY A 328 33.03 0.96 2.48
C GLY A 328 32.13 0.02 3.28
N GLY A 329 31.21 0.60 4.05
CA GLY A 329 30.22 -0.19 4.80
C GLY A 329 30.56 -0.50 6.25
N LYS A 330 31.70 -0.01 6.72
CA LYS A 330 32.13 -0.27 8.08
C LYS A 330 31.23 0.45 9.08
N ALA A 331 30.62 -0.32 9.98
CA ALA A 331 29.87 0.25 11.09
C ALA A 331 30.87 0.79 12.13
N VAL A 332 30.42 1.77 12.91
CA VAL A 332 31.28 2.36 13.95
C VAL A 332 30.60 2.34 15.32
N THR A 333 31.39 2.56 16.36
CA THR A 333 30.93 2.41 17.73
C THR A 333 30.90 3.75 18.49
N ASP A 334 31.46 4.79 17.89
CA ASP A 334 31.65 6.06 18.59
C ASP A 334 30.44 6.96 18.44
N SER A 335 30.34 7.95 19.31
CA SER A 335 29.27 8.93 19.24
C SER A 335 29.86 10.34 19.11
N VAL A 336 29.04 11.24 18.56
CA VAL A 336 29.46 12.60 18.24
C VAL A 336 28.39 13.55 18.76
N LEU A 337 28.81 14.72 19.23
CA LEU A 337 27.84 15.72 19.69
C LEU A 337 28.00 16.99 18.86
N ILE A 338 26.90 17.50 18.34
CA ILE A 338 26.90 18.74 17.57
C ILE A 338 26.04 19.81 18.26
N THR A 339 26.64 20.97 18.52
CA THR A 339 25.96 22.08 19.20
C THR A 339 26.08 23.36 18.38
N VAL A 340 25.04 24.19 18.42
CA VAL A 340 25.06 25.53 17.83
C VAL A 340 25.15 26.61 18.91
N ASP A 342 27.00 29.74 18.75
CA ASP A 342 25.96 30.78 18.74
C ASP A 342 25.79 31.28 17.31
N ASN A 343 24.88 30.67 16.57
CA ASN A 343 24.80 30.87 15.12
C ASN A 343 25.87 30.05 14.40
N LYS A 344 26.70 29.34 15.18
CA LYS A 344 27.86 28.63 14.68
C LYS A 344 27.91 27.22 15.29
N VAL A 345 28.51 26.30 14.55
CA VAL A 345 28.50 24.87 14.90
C VAL A 345 29.81 24.46 15.59
N THR A 346 29.68 23.56 16.55
CA THR A 346 30.84 22.94 17.20
C THR A 346 30.59 21.43 17.29
N VAL A 347 31.55 20.66 16.77
CA VAL A 347 31.44 19.20 16.73
C VAL A 347 32.33 18.61 17.80
N GLN A 348 31.74 17.92 18.75
CA GLN A 348 32.52 17.24 19.80
C GLN A 348 32.68 15.76 19.43
N ASN A 349 33.93 15.31 19.42
CA ASN A 349 34.27 13.93 19.07
C ASN A 349 35.02 13.26 20.21
N SER B 1 -29.12 -18.51 -18.40
CA SER B 1 -30.43 -18.43 -19.16
C SER B 1 -30.30 -17.95 -20.62
N VAL B 2 -29.88 -16.69 -20.80
CA VAL B 2 -29.60 -16.11 -22.12
C VAL B 2 -28.35 -16.75 -22.71
N LEU B 3 -27.49 -17.24 -21.82
CA LEU B 3 -26.47 -18.22 -22.15
C LEU B 3 -26.84 -19.46 -21.36
N PRO B 4 -26.30 -20.62 -21.74
CA PRO B 4 -26.55 -21.79 -20.90
C PRO B 4 -26.12 -21.52 -19.45
N GLU B 5 -26.75 -22.23 -18.52
CA GLU B 5 -26.42 -22.09 -17.11
C GLU B 5 -24.94 -22.36 -16.90
N THR B 6 -24.31 -21.62 -15.99
CA THR B 6 -22.90 -21.89 -15.72
C THR B 6 -22.81 -23.30 -15.12
N PRO B 7 -21.70 -24.01 -15.38
CA PRO B 7 -21.63 -25.41 -14.90
C PRO B 7 -21.73 -25.63 -13.39
N VAL B 8 -21.39 -24.60 -12.60
CA VAL B 8 -21.60 -24.62 -11.14
C VAL B 8 -22.13 -23.23 -10.75
N PRO B 9 -22.80 -23.11 -9.57
CA PRO B 9 -23.21 -21.78 -9.06
C PRO B 9 -22.01 -20.86 -8.96
N PHE B 10 -22.17 -19.61 -9.38
CA PHE B 10 -21.04 -18.79 -9.78
C PHE B 10 -21.11 -17.35 -9.24
N LYS B 11 -20.59 -17.16 -8.04
CA LYS B 11 -20.54 -15.85 -7.41
C LYS B 11 -19.11 -15.48 -7.10
N SER B 12 -18.81 -14.18 -7.09
N SER B 12 -18.84 -14.17 -7.07
CA SER B 12 -17.51 -13.66 -6.72
CA SER B 12 -17.53 -13.60 -6.76
C SER B 12 -16.39 -14.02 -7.68
C SER B 12 -16.40 -14.02 -7.68
N GLY B 13 -16.78 -14.44 -8.89
CA GLY B 13 -15.83 -14.86 -9.92
C GLY B 13 -15.40 -13.70 -10.79
N THR B 14 -14.78 -14.04 -11.92
CA THR B 14 -14.32 -13.02 -12.84
C THR B 14 -14.46 -13.56 -14.26
N GLY B 15 -14.31 -12.70 -15.25
CA GLY B 15 -14.43 -13.13 -16.64
C GLY B 15 -14.07 -12.00 -17.56
N ALA B 16 -14.02 -12.33 -18.83
CA ALA B 16 -13.55 -11.43 -19.86
C ALA B 16 -14.17 -11.90 -21.17
N ILE B 17 -14.26 -11.00 -22.14
CA ILE B 17 -14.74 -11.33 -23.47
C ILE B 17 -13.68 -10.94 -24.48
N ASP B 18 -13.42 -11.84 -25.41
CA ASP B 18 -12.50 -11.59 -26.52
C ASP B 18 -13.36 -11.79 -27.74
N ASN B 19 -13.80 -10.66 -28.30
CA ASN B 19 -14.72 -10.61 -29.44
C ASN B 19 -16.02 -11.36 -29.13
N ASP B 20 -16.15 -12.60 -29.61
CA ASP B 20 -17.38 -13.38 -29.42
C ASP B 20 -17.23 -14.53 -28.40
N THR B 21 -16.04 -14.66 -27.80
CA THR B 21 -15.74 -15.77 -26.87
C THR B 21 -15.68 -15.25 -25.44
N VAL B 22 -16.53 -15.82 -24.60
CA VAL B 22 -16.65 -15.41 -23.18
C VAL B 22 -15.82 -16.37 -22.34
N TYR B 23 -15.05 -15.82 -21.40
CA TYR B 23 -14.26 -16.61 -20.45
C TYR B 23 -14.72 -16.30 -19.03
N ILE B 24 -15.03 -17.32 -18.24
CA ILE B 24 -15.37 -17.11 -16.82
C ILE B 24 -14.66 -18.10 -15.93
N GLY B 25 -14.43 -17.70 -14.69
CA GLY B 25 -13.80 -18.59 -13.76
C GLY B 25 -13.67 -17.99 -12.38
N LEU B 26 -13.17 -18.83 -11.50
CA LEU B 26 -12.87 -18.45 -10.10
C LEU B 26 -14.14 -18.17 -9.31
N GLY B 27 -13.99 -17.46 -8.18
CA GLY B 27 -15.10 -17.29 -7.27
C GLY B 27 -15.54 -18.66 -6.82
N SER B 28 -16.84 -18.87 -6.73
CA SER B 28 -17.37 -20.15 -6.23
C SER B 28 -17.12 -21.31 -7.21
N ALA B 29 -16.55 -21.02 -8.37
CA ALA B 29 -16.11 -22.09 -9.30
C ALA B 29 -14.77 -22.69 -8.92
N GLY B 30 -14.15 -22.22 -7.86
CA GLY B 30 -12.84 -22.74 -7.48
C GLY B 30 -11.79 -22.41 -8.49
N THR B 31 -10.93 -23.36 -8.84
CA THR B 31 -9.91 -23.11 -9.82
C THR B 31 -10.41 -23.25 -11.29
N ALA B 32 -11.69 -23.54 -11.45
CA ALA B 32 -12.24 -23.82 -12.80
C ALA B 32 -12.37 -22.54 -13.61
N TRP B 33 -12.05 -22.66 -14.92
CA TRP B 33 -12.37 -21.69 -15.95
C TRP B 33 -13.13 -22.39 -17.05
N TYR B 34 -13.99 -21.64 -17.70
CA TYR B 34 -14.78 -22.10 -18.84
C TYR B 34 -14.80 -21.04 -19.92
N LYS B 35 -14.98 -21.47 -21.16
CA LYS B 35 -15.19 -20.54 -22.27
C LYS B 35 -16.48 -20.88 -23.02
N LEU B 36 -17.04 -19.88 -23.69
CA LEU B 36 -18.22 -20.10 -24.51
C LEU B 36 -18.14 -19.23 -25.76
N ASP B 37 -18.40 -19.85 -26.91
CA ASP B 37 -18.46 -19.16 -28.20
C ASP B 37 -19.90 -18.71 -28.38
N THR B 38 -20.14 -17.41 -28.31
CA THR B 38 -21.51 -16.90 -28.31
C THR B 38 -22.18 -17.06 -29.68
N GLN B 39 -21.37 -17.29 -30.72
CA GLN B 39 -21.87 -17.42 -32.10
C GLN B 39 -22.13 -18.85 -32.54
N ALA B 40 -21.91 -19.82 -31.65
CA ALA B 40 -22.22 -21.22 -31.96
C ALA B 40 -23.73 -21.41 -31.95
N LYS B 41 -24.22 -22.35 -32.76
CA LYS B 41 -25.63 -22.70 -32.75
C LYS B 41 -25.97 -23.48 -31.48
N ASP B 42 -25.02 -24.33 -31.08
CA ASP B 42 -25.13 -25.12 -29.86
C ASP B 42 -24.18 -24.55 -28.80
N LYS B 43 -24.58 -23.45 -28.18
CA LYS B 43 -23.76 -22.80 -27.13
C LYS B 43 -23.49 -23.77 -25.98
N LYS B 44 -22.26 -23.73 -25.50
CA LYS B 44 -21.71 -24.74 -24.62
C LYS B 44 -20.61 -24.11 -23.77
N TRP B 45 -20.57 -24.38 -22.46
CA TRP B 45 -19.39 -24.02 -21.65
C TRP B 45 -18.37 -25.14 -21.77
N THR B 46 -17.16 -24.80 -22.19
CA THR B 46 -16.05 -25.73 -22.28
C THR B 46 -15.05 -25.47 -21.16
N ALA B 47 -14.75 -26.51 -20.37
CA ALA B 47 -13.77 -26.42 -19.28
C ALA B 47 -12.37 -26.21 -19.81
N LEU B 48 -11.68 -25.23 -19.22
CA LEU B 48 -10.34 -24.89 -19.59
C LEU B 48 -9.34 -25.44 -18.55
N ALA B 49 -8.06 -25.21 -18.81
CA ALA B 49 -7.03 -25.56 -17.85
C ALA B 49 -7.30 -24.84 -16.53
N ALA B 50 -7.11 -25.56 -15.45
CA ALA B 50 -7.34 -25.00 -14.10
C ALA B 50 -6.39 -23.86 -13.79
N PHE B 51 -6.92 -22.90 -13.04
CA PHE B 51 -6.11 -21.79 -12.55
C PHE B 51 -5.10 -22.32 -11.54
N PRO B 52 -3.80 -22.05 -11.75
CA PRO B 52 -2.78 -22.59 -10.90
C PRO B 52 -2.52 -21.85 -9.58
N GLY B 53 -3.17 -20.71 -9.39
CA GLY B 53 -2.91 -19.89 -8.16
C GLY B 53 -3.87 -20.12 -7.00
N GLY B 54 -4.64 -21.21 -7.07
CA GLY B 54 -5.66 -21.50 -6.09
C GLY B 54 -6.93 -20.71 -6.27
N PRO B 55 -8.00 -21.05 -5.54
CA PRO B 55 -9.24 -20.31 -5.62
C PRO B 55 -9.06 -18.85 -5.27
N ARG B 56 -9.81 -17.99 -5.97
CA ARG B 56 -9.75 -16.52 -5.75
C ARG B 56 -11.15 -15.96 -5.77
N ASP B 57 -11.54 -15.24 -4.72
CA ASP B 57 -12.75 -14.42 -4.74
C ASP B 57 -12.35 -12.98 -5.03
N GLN B 58 -13.17 -12.29 -5.81
CA GLN B 58 -12.91 -10.88 -6.07
C GLN B 58 -11.62 -10.61 -6.86
N ALA B 59 -11.18 -11.56 -7.67
CA ALA B 59 -10.17 -11.29 -8.70
C ALA B 59 -10.76 -10.45 -9.83
N THR B 60 -9.87 -9.92 -10.65
CA THR B 60 -10.31 -9.25 -11.89
C THR B 60 -9.56 -9.87 -13.06
N SER B 61 -10.01 -9.57 -14.28
N SER B 61 -10.04 -9.54 -14.26
CA SER B 61 -9.34 -10.10 -15.46
CA SER B 61 -9.49 -10.06 -15.50
C SER B 61 -9.51 -9.17 -16.64
C SER B 61 -9.37 -8.97 -16.55
N ALA B 62 -8.54 -9.22 -17.56
CA ALA B 62 -8.51 -8.37 -18.75
C ALA B 62 -7.97 -9.15 -19.90
N PHE B 63 -8.59 -8.99 -21.08
N PHE B 63 -8.52 -8.96 -21.09
CA PHE B 63 -8.04 -9.54 -22.32
CA PHE B 63 -8.03 -9.66 -22.27
C PHE B 63 -7.25 -8.46 -23.00
C PHE B 63 -7.31 -8.61 -23.13
N ILE B 64 -6.00 -8.78 -23.33
CA ILE B 64 -5.15 -7.81 -24.03
C ILE B 64 -4.25 -8.57 -24.99
N ASP B 65 -4.30 -8.20 -26.27
CA ASP B 65 -3.39 -8.75 -27.28
C ASP B 65 -3.46 -10.27 -27.30
N GLY B 66 -4.66 -10.82 -27.26
CA GLY B 66 -4.85 -12.26 -27.41
C GLY B 66 -4.65 -13.16 -26.20
N ASN B 67 -4.36 -12.57 -25.04
CA ASN B 67 -4.12 -13.35 -23.85
C ASN B 67 -4.99 -12.80 -22.73
N LEU B 68 -5.32 -13.71 -21.83
CA LEU B 68 -6.17 -13.40 -20.67
C LEU B 68 -5.29 -13.23 -19.44
N TYR B 69 -5.43 -12.08 -18.78
CA TYR B 69 -4.69 -11.76 -17.54
C TYR B 69 -5.65 -11.76 -16.36
N VAL B 70 -5.24 -12.38 -15.26
CA VAL B 70 -6.02 -12.40 -14.00
C VAL B 70 -5.19 -11.75 -12.91
N PHE B 71 -5.83 -10.83 -12.18
CA PHE B 71 -5.18 -9.99 -11.17
C PHE B 71 -5.77 -10.26 -9.76
N GLY B 72 -4.89 -10.65 -8.85
CA GLY B 72 -5.23 -10.68 -7.43
C GLY B 72 -6.36 -11.57 -7.01
N GLY B 73 -7.17 -11.05 -6.09
CA GLY B 73 -8.26 -11.76 -5.44
C GLY B 73 -7.90 -12.20 -4.03
N ILE B 74 -8.88 -12.80 -3.41
CA ILE B 74 -8.78 -13.29 -2.03
C ILE B 74 -8.72 -14.82 -2.05
N GLY B 75 -7.78 -15.37 -1.30
CA GLY B 75 -7.69 -16.82 -1.15
C GLY B 75 -6.72 -17.19 -0.07
N LYS B 76 -6.24 -18.40 -0.09
CA LYS B 76 -5.41 -18.91 1.00
C LYS B 76 -3.94 -18.78 0.71
N ASN B 77 -3.20 -18.31 1.71
CA ASN B 77 -1.74 -18.31 1.66
C ASN B 77 -1.20 -19.72 1.99
N SER B 78 0.11 -19.85 2.02
N SER B 78 0.11 -19.86 1.99
CA SER B 78 0.77 -21.15 2.27
CA SER B 78 0.74 -21.16 2.26
C SER B 78 0.53 -21.67 3.67
C SER B 78 0.38 -21.69 3.65
N GLU B 79 0.15 -20.79 4.59
CA GLU B 79 -0.22 -21.16 5.95
C GLU B 79 -1.69 -21.47 6.11
N GLY B 80 -2.47 -21.39 5.04
CA GLY B 80 -3.87 -21.70 5.10
C GLY B 80 -4.81 -20.58 5.53
N LEU B 81 -4.30 -19.36 5.61
CA LEU B 81 -5.10 -18.25 6.06
C LEU B 81 -5.56 -17.41 4.88
N THR B 82 -6.72 -16.80 5.04
CA THR B 82 -7.28 -15.93 4.04
C THR B 82 -6.45 -14.68 3.92
N GLN B 83 -6.17 -14.30 2.68
CA GLN B 83 -5.35 -13.15 2.39
C GLN B 83 -5.69 -12.57 1.02
N VAL B 84 -5.17 -11.39 0.79
CA VAL B 84 -5.27 -10.70 -0.49
C VAL B 84 -4.00 -10.92 -1.29
N PHE B 85 -4.16 -11.24 -2.58
CA PHE B 85 -3.01 -11.47 -3.46
C PHE B 85 -2.67 -10.22 -4.28
N ASN B 86 -1.43 -10.13 -4.77
CA ASN B 86 -0.98 -9.00 -5.60
C ASN B 86 -0.37 -9.49 -6.90
N ASP B 87 -0.80 -10.67 -7.34
CA ASP B 87 -0.14 -11.33 -8.48
C ASP B 87 -0.90 -11.22 -9.79
N VAL B 88 -0.21 -11.65 -10.86
CA VAL B 88 -0.80 -11.69 -12.19
C VAL B 88 -0.51 -13.06 -12.81
N HIS B 89 -1.57 -13.66 -13.35
CA HIS B 89 -1.45 -14.88 -14.14
C HIS B 89 -1.87 -14.59 -15.56
N LYS B 90 -1.26 -15.30 -16.51
CA LYS B 90 -1.60 -15.15 -17.93
C LYS B 90 -2.08 -16.47 -18.48
N TYR B 91 -3.22 -16.44 -19.15
CA TYR B 91 -3.75 -17.63 -19.85
C TYR B 91 -3.66 -17.41 -21.34
N ASN B 92 -3.03 -18.37 -22.02
CA ASN B 92 -2.91 -18.38 -23.49
C ASN B 92 -3.98 -19.29 -24.08
N PRO B 93 -5.00 -18.70 -24.71
CA PRO B 93 -6.07 -19.55 -25.24
C PRO B 93 -5.64 -20.49 -26.39
N LYS B 94 -4.59 -20.13 -27.10
CA LYS B 94 -4.14 -20.94 -28.23
C LYS B 94 -3.54 -22.25 -27.76
N THR B 95 -2.96 -22.24 -26.56
CA THR B 95 -2.33 -23.41 -25.95
C THR B 95 -3.05 -23.94 -24.71
N ASN B 96 -4.14 -23.28 -24.31
CA ASN B 96 -4.91 -23.67 -23.11
C ASN B 96 -3.99 -23.90 -21.92
N SER B 97 -3.16 -22.89 -21.64
CA SER B 97 -2.14 -23.00 -20.61
C SER B 97 -2.02 -21.70 -19.83
N TRP B 98 -1.73 -21.86 -18.54
CA TRP B 98 -1.53 -20.72 -17.60
C TRP B 98 -0.06 -20.59 -17.23
N VAL B 99 0.39 -19.36 -17.01
CA VAL B 99 1.64 -19.11 -16.32
C VAL B 99 1.44 -17.98 -15.31
N LYS B 100 2.13 -18.07 -14.19
CA LYS B 100 2.20 -16.96 -13.25
C LYS B 100 3.30 -16.04 -13.74
N LEU B 101 3.05 -14.74 -13.76
CA LEU B 101 4.05 -13.79 -14.21
C LEU B 101 4.93 -13.39 -13.03
N MSE B 102 6.19 -13.11 -13.31
CA MSE B 102 7.06 -12.51 -12.30
C MSE B 102 6.75 -11.03 -12.35
O MSE B 102 7.29 -10.30 -13.17
CB MSE B 102 8.53 -12.80 -12.60
CG MSE B 102 9.47 -12.24 -11.54
SE MSE B 102 11.29 -12.88 -11.77
CE MSE B 102 11.17 -14.60 -10.82
N SER B 103 5.84 -10.61 -11.48
CA SER B 103 5.28 -9.28 -11.53
C SER B 103 4.70 -8.97 -10.16
N HIS B 104 5.04 -7.81 -9.60
CA HIS B 104 4.63 -7.48 -8.22
C HIS B 104 3.86 -6.17 -8.17
N ALA B 105 2.54 -6.26 -8.07
CA ALA B 105 1.74 -5.05 -7.94
C ALA B 105 2.05 -4.37 -6.60
N PRO B 106 2.15 -3.04 -6.61
CA PRO B 106 2.48 -2.33 -5.39
C PRO B 106 1.44 -2.40 -4.29
N MSE B 107 0.22 -2.77 -4.64
N MSE B 107 0.21 -2.75 -4.63
CA MSE B 107 -0.86 -2.95 -3.66
CA MSE B 107 -0.84 -3.01 -3.64
C MSE B 107 -1.52 -4.30 -3.87
C MSE B 107 -1.38 -4.39 -3.84
O MSE B 107 -1.67 -4.77 -5.00
O MSE B 107 -1.25 -4.97 -4.91
CB MSE B 107 -1.90 -1.82 -3.78
CB MSE B 107 -1.98 -1.99 -3.75
CG MSE B 107 -1.57 -0.53 -2.97
CG MSE B 107 -1.61 -0.59 -3.24
SE MSE B 107 -0.21 0.64 -3.74
SE MSE B 107 -0.72 0.47 -4.61
CE MSE B 107 -1.18 1.30 -5.30
CE MSE B 107 0.20 1.79 -3.42
N GLY B 108 -1.94 -4.95 -2.78
CA GLY B 108 -2.79 -6.09 -2.91
C GLY B 108 -4.03 -5.67 -3.70
N MSE B 109 -4.69 -6.64 -4.32
CA MSE B 109 -5.82 -6.40 -5.20
C MSE B 109 -6.98 -7.32 -4.86
O MSE B 109 -7.02 -8.47 -5.28
CB MSE B 109 -5.36 -6.61 -6.64
CG MSE B 109 -4.34 -5.59 -7.06
SE MSE B 109 -3.75 -5.85 -8.92
CE MSE B 109 -2.68 -7.46 -8.65
N ALA B 110 -7.92 -6.81 -4.06
CA ALA B 110 -9.21 -7.46 -3.80
C ALA B 110 -10.27 -6.43 -3.57
N GLY B 111 -11.31 -6.46 -4.40
CA GLY B 111 -12.27 -5.37 -4.45
C GLY B 111 -11.87 -4.28 -5.42
N HIS B 112 -10.74 -4.46 -6.06
CA HIS B 112 -10.28 -3.58 -7.12
C HIS B 112 -11.16 -3.74 -8.37
N VAL B 113 -11.02 -2.78 -9.26
CA VAL B 113 -11.54 -2.92 -10.61
C VAL B 113 -10.37 -3.02 -11.58
N THR B 114 -10.65 -3.47 -12.80
CA THR B 114 -9.64 -3.45 -13.86
C THR B 114 -10.32 -3.14 -15.19
N PHE B 115 -9.68 -2.25 -15.95
CA PHE B 115 -10.12 -1.94 -17.31
C PHE B 115 -8.91 -1.85 -18.24
N VAL B 116 -9.18 -1.98 -19.54
CA VAL B 116 -8.11 -1.93 -20.55
C VAL B 116 -8.18 -0.56 -21.25
N HIS B 117 -7.04 0.12 -21.28
CA HIS B 117 -6.92 1.39 -22.01
C HIS B 117 -5.58 1.44 -22.73
N ASN B 118 -5.64 1.68 -24.05
CA ASN B 118 -4.42 1.73 -24.84
C ASN B 118 -3.42 0.59 -24.56
N GLY B 119 -3.94 -0.63 -24.56
CA GLY B 119 -3.12 -1.83 -24.51
C GLY B 119 -2.57 -2.19 -23.13
N LYS B 120 -3.06 -1.51 -22.11
CA LYS B 120 -2.57 -1.71 -20.73
C LYS B 120 -3.75 -2.01 -19.83
N ALA B 121 -3.49 -2.77 -18.75
CA ALA B 121 -4.52 -3.02 -17.75
C ALA B 121 -4.38 -2.01 -16.63
N TYR B 122 -5.45 -1.28 -16.37
CA TYR B 122 -5.48 -0.26 -15.35
C TYR B 122 -6.29 -0.79 -14.17
N VAL B 123 -5.76 -0.54 -12.98
CA VAL B 123 -6.30 -1.08 -11.71
C VAL B 123 -6.46 0.06 -10.70
N THR B 124 -7.61 0.11 -10.05
CA THR B 124 -7.76 1.01 -8.88
C THR B 124 -8.73 0.36 -7.92
N GLY B 125 -8.76 0.90 -6.70
CA GLY B 125 -9.63 0.35 -5.67
C GLY B 125 -9.06 -0.87 -4.98
N GLY B 126 -9.83 -1.35 -4.02
CA GLY B 126 -9.48 -2.53 -3.27
C GLY B 126 -9.14 -2.24 -1.82
N VAL B 127 -9.24 -3.30 -1.03
CA VAL B 127 -8.89 -3.21 0.38
C VAL B 127 -7.38 -3.03 0.57
N ASN B 128 -6.96 -2.69 1.78
CA ASN B 128 -5.56 -2.61 2.14
C ASN B 128 -5.09 -4.01 2.54
N GLN B 129 -4.00 -4.47 1.95
CA GLN B 129 -3.60 -5.85 2.19
C GLN B 129 -3.25 -6.09 3.65
N ASN B 130 -2.53 -5.18 4.28
CA ASN B 130 -2.11 -5.41 5.66
C ASN B 130 -3.30 -5.42 6.64
N ILE B 131 -4.26 -4.52 6.45
CA ILE B 131 -5.43 -4.48 7.33
C ILE B 131 -6.30 -5.73 7.13
N PHE B 132 -6.57 -6.08 5.88
CA PHE B 132 -7.40 -7.24 5.57
C PHE B 132 -6.69 -8.52 6.04
N ASN B 133 -5.42 -8.69 5.68
CA ASN B 133 -4.71 -9.93 6.07
C ASN B 133 -4.56 -10.01 7.59
N GLY B 134 -4.32 -8.87 8.24
CA GLY B 134 -4.14 -8.86 9.68
C GLY B 134 -5.40 -9.27 10.39
N TYR B 135 -6.56 -8.92 9.86
CA TYR B 135 -7.84 -9.33 10.48
C TYR B 135 -7.91 -10.86 10.58
N PHE B 136 -7.57 -11.52 9.49
CA PHE B 136 -7.62 -12.99 9.49
C PHE B 136 -6.50 -13.60 10.32
N GLU B 137 -5.34 -12.93 10.39
CA GLU B 137 -4.27 -13.39 11.26
C GLU B 137 -4.75 -13.33 12.71
N ASP B 138 -5.38 -12.21 13.06
CA ASP B 138 -5.88 -12.02 14.44
C ASP B 138 -6.97 -13.02 14.82
N LEU B 139 -7.96 -13.20 13.96
CA LEU B 139 -8.97 -14.26 14.20
C LEU B 139 -8.35 -15.64 14.35
N ASN B 140 -7.32 -15.94 13.57
CA ASN B 140 -6.67 -17.25 13.70
C ASN B 140 -6.00 -17.40 15.07
N GLU B 141 -5.33 -16.34 15.52
CA GLU B 141 -4.67 -16.30 16.82
C GLU B 141 -5.70 -16.43 17.96
N ALA B 142 -6.85 -15.77 17.82
CA ALA B 142 -7.92 -15.76 18.83
C ALA B 142 -8.51 -17.14 19.04
N GLY B 143 -8.65 -17.91 17.97
CA GLY B 143 -9.17 -19.27 18.06
C GLY B 143 -10.59 -19.24 18.53
N LYS B 144 -10.89 -20.02 19.58
CA LYS B 144 -12.25 -20.12 20.09
C LYS B 144 -12.56 -19.18 21.24
N ASP B 145 -11.68 -18.22 21.48
CA ASP B 145 -11.86 -17.23 22.55
C ASP B 145 -12.79 -16.11 22.09
N SER B 146 -14.06 -16.15 22.48
CA SER B 146 -15.04 -15.16 22.02
C SER B 146 -14.78 -13.74 22.54
N THR B 147 -14.17 -13.61 23.72
CA THR B 147 -13.84 -12.27 24.20
C THR B 147 -12.75 -11.67 23.33
N ALA B 148 -11.79 -12.50 22.90
CA ALA B 148 -10.69 -12.03 22.03
C ALA B 148 -11.25 -11.65 20.66
N ILE B 149 -12.19 -12.45 20.18
CA ILE B 149 -12.83 -12.19 18.88
C ILE B 149 -13.61 -10.88 18.92
N ASP B 150 -14.36 -10.67 20.01
CA ASP B 150 -15.14 -9.45 20.13
C ASP B 150 -14.25 -8.22 20.11
N LYS B 151 -13.09 -8.29 20.76
CA LYS B 151 -12.15 -7.18 20.81
C LYS B 151 -11.63 -6.90 19.40
N ILE B 152 -11.31 -7.97 18.68
CA ILE B 152 -10.75 -7.81 17.32
C ILE B 152 -11.78 -7.12 16.42
N ASN B 153 -13.03 -7.58 16.48
CA ASN B 153 -14.11 -6.98 15.70
C ASN B 153 -14.39 -5.54 16.08
N ALA B 154 -14.40 -5.27 17.37
CA ALA B 154 -14.63 -3.92 17.81
C ALA B 154 -13.58 -2.99 17.28
N HIS B 155 -12.30 -3.37 17.38
CA HIS B 155 -11.21 -2.53 16.88
C HIS B 155 -11.34 -2.41 15.36
N TYR B 156 -11.66 -3.51 14.71
CA TYR B 156 -11.67 -3.50 13.23
C TYR B 156 -12.74 -2.57 12.62
N PHE B 157 -13.96 -2.60 13.17
CA PHE B 157 -15.06 -1.85 12.59
C PHE B 157 -15.21 -0.41 13.11
N ASP B 158 -14.55 -0.09 14.20
CA ASP B 158 -14.67 1.24 14.82
C ASP B 158 -13.56 2.17 14.33
N LYS B 159 -13.61 2.46 13.04
CA LYS B 159 -12.63 3.36 12.44
C LYS B 159 -13.33 4.21 11.41
N LYS B 160 -12.78 5.38 11.12
CA LYS B 160 -13.27 6.18 10.02
C LYS B 160 -12.86 5.53 8.70
N ALA B 161 -13.55 5.87 7.62
CA ALA B 161 -13.30 5.25 6.32
C ALA B 161 -11.83 5.40 5.88
N GLU B 162 -11.24 6.57 6.09
CA GLU B 162 -9.85 6.79 5.69
C GLU B 162 -8.87 5.84 6.35
N ASP B 163 -9.19 5.33 7.54
CA ASP B 163 -8.26 4.49 8.31
C ASP B 163 -8.11 3.10 7.68
N TYR B 164 -8.97 2.78 6.71
CA TYR B 164 -8.89 1.46 6.03
C TYR B 164 -8.01 1.48 4.79
N PHE B 165 -7.59 2.65 4.37
CA PHE B 165 -6.62 2.78 3.30
C PHE B 165 -7.04 1.97 2.08
N PHE B 166 -8.32 2.03 1.72
CA PHE B 166 -8.73 1.50 0.41
C PHE B 166 -7.93 2.24 -0.69
N ASN B 167 -7.62 1.53 -1.77
CA ASN B 167 -6.62 2.00 -2.73
C ASN B 167 -7.19 3.06 -3.67
N LYS B 168 -6.71 4.30 -3.50
CA LYS B 168 -7.15 5.40 -4.36
C LYS B 168 -6.22 5.61 -5.56
N PHE B 169 -5.08 4.90 -5.60
CA PHE B 169 -4.13 5.04 -6.69
C PHE B 169 -4.64 4.33 -7.93
N LEU B 170 -4.19 4.83 -9.08
CA LEU B 170 -4.45 4.19 -10.36
C LEU B 170 -3.13 3.60 -10.84
N LEU B 171 -3.13 2.30 -11.10
CA LEU B 171 -1.95 1.54 -11.48
C LEU B 171 -2.13 1.08 -12.92
N SER B 172 -1.03 1.00 -13.67
N SER B 172 -1.01 0.99 -13.65
CA SER B 172 -1.12 0.38 -15.00
CA SER B 172 -1.02 0.43 -14.99
C SER B 172 -0.10 -0.75 -15.15
C SER B 172 -0.10 -0.79 -15.05
N PHE B 173 -0.60 -1.86 -15.66
CA PHE B 173 0.20 -3.05 -15.95
C PHE B 173 0.36 -3.13 -17.46
N ASP B 174 1.62 -3.23 -17.91
CA ASP B 174 1.93 -3.33 -19.35
C ASP B 174 2.27 -4.78 -19.67
N PRO B 175 1.42 -5.48 -20.46
CA PRO B 175 1.68 -6.89 -20.73
C PRO B 175 3.04 -7.19 -21.40
N SER B 176 3.57 -6.23 -22.13
N SER B 176 3.58 -6.20 -22.10
CA SER B 176 4.83 -6.41 -22.84
CA SER B 176 4.84 -6.33 -22.87
C SER B 176 6.02 -6.48 -21.89
C SER B 176 6.12 -6.21 -22.03
N THR B 177 5.99 -5.70 -20.81
CA THR B 177 7.09 -5.62 -19.85
C THR B 177 6.77 -6.41 -18.56
N GLN B 178 5.48 -6.65 -18.35
CA GLN B 178 4.91 -7.23 -17.10
C GLN B 178 5.16 -6.39 -15.86
N GLN B 179 5.44 -5.11 -16.05
CA GLN B 179 5.74 -4.19 -14.98
C GLN B 179 4.56 -3.31 -14.67
N TRP B 180 4.56 -2.81 -13.42
CA TRP B 180 3.52 -1.93 -12.87
C TRP B 180 4.01 -0.50 -12.77
N SER B 181 3.16 0.44 -13.19
CA SER B 181 3.49 1.86 -13.14
C SER B 181 2.45 2.67 -12.41
N TYR B 182 2.89 3.78 -11.82
CA TYR B 182 1.98 4.79 -11.34
C TYR B 182 1.28 5.45 -12.53
N ALA B 183 -0.06 5.46 -12.53
CA ALA B 183 -0.86 6.06 -13.60
C ALA B 183 -1.69 7.26 -13.15
N GLY B 184 -1.76 7.50 -11.84
CA GLY B 184 -2.57 8.56 -11.29
C GLY B 184 -3.14 8.21 -9.94
N GLU B 185 -4.06 9.03 -9.48
CA GLU B 185 -4.74 8.79 -8.21
C GLU B 185 -5.97 9.64 -8.08
N SER B 186 -6.93 9.11 -7.36
CA SER B 186 -8.18 9.82 -7.14
C SER B 186 -7.93 11.03 -6.28
N PRO B 187 -8.53 12.18 -6.65
CA PRO B 187 -8.53 13.26 -5.68
C PRO B 187 -9.37 13.05 -4.42
N TRP B 188 -10.16 11.97 -4.39
CA TRP B 188 -11.13 11.71 -3.32
C TRP B 188 -10.72 10.49 -2.50
N TYR B 189 -11.30 9.32 -2.75
CA TYR B 189 -11.03 8.13 -1.94
C TYR B 189 -11.18 6.89 -2.80
N GLY B 190 -10.59 5.79 -2.35
CA GLY B 190 -10.75 4.49 -3.02
C GLY B 190 -11.94 3.74 -2.46
N THR B 191 -12.43 2.79 -3.26
CA THR B 191 -13.51 1.91 -2.86
C THR B 191 -13.11 0.46 -3.11
N ALA B 192 -13.90 -0.44 -2.55
CA ALA B 192 -13.79 -1.87 -2.80
C ALA B 192 -15.15 -2.33 -3.34
N GLY B 193 -15.19 -2.96 -4.50
CA GLY B 193 -16.43 -3.41 -5.08
C GLY B 193 -17.22 -2.41 -5.91
N ALA B 194 -16.53 -1.38 -6.41
CA ALA B 194 -17.14 -0.50 -7.41
C ALA B 194 -17.33 -1.32 -8.69
N ALA B 195 -18.25 -0.87 -9.52
CA ALA B 195 -18.45 -1.41 -10.85
C ALA B 195 -17.72 -0.49 -11.82
N VAL B 196 -17.00 -1.04 -12.77
CA VAL B 196 -16.29 -0.24 -13.78
C VAL B 196 -16.88 -0.41 -15.18
N VAL B 197 -16.93 0.70 -15.93
CA VAL B 197 -17.21 0.65 -17.36
C VAL B 197 -16.19 1.54 -18.08
N ASN B 198 -15.68 1.07 -19.21
CA ASN B 198 -14.72 1.81 -20.03
C ASN B 198 -15.25 1.92 -21.47
N LYS B 199 -15.16 3.10 -22.06
CA LYS B 199 -15.47 3.25 -23.47
C LYS B 199 -14.54 4.32 -24.01
N GLY B 200 -13.59 3.91 -24.84
CA GLY B 200 -12.60 4.84 -25.39
C GLY B 200 -11.85 5.55 -24.30
N ASP B 201 -11.85 6.89 -24.34
CA ASP B 201 -11.05 7.68 -23.43
C ASP B 201 -11.77 8.03 -22.14
N LYS B 202 -12.90 7.36 -21.86
CA LYS B 202 -13.64 7.55 -20.60
C LYS B 202 -13.77 6.24 -19.84
N THR B 203 -13.59 6.31 -18.52
CA THR B 203 -13.92 5.18 -17.64
C THR B 203 -14.72 5.71 -16.46
N TRP B 204 -15.70 4.92 -16.03
CA TRP B 204 -16.59 5.24 -14.93
C TRP B 204 -16.44 4.21 -13.81
N LEU B 205 -16.40 4.69 -12.56
CA LEU B 205 -16.30 3.87 -11.32
C LEU B 205 -17.55 4.14 -10.52
N ILE B 206 -18.42 3.14 -10.38
CA ILE B 206 -19.74 3.32 -9.82
C ILE B 206 -19.90 2.65 -8.46
N ASN B 207 -20.21 3.45 -7.45
CA ASN B 207 -20.46 3.01 -6.10
C ASN B 207 -19.28 2.21 -5.52
N GLY B 208 -19.54 1.14 -4.74
CA GLY B 208 -18.48 0.44 -4.00
C GLY B 208 -18.50 0.72 -2.51
N GLU B 209 -17.76 -0.10 -1.77
CA GLU B 209 -17.59 0.14 -0.33
C GLU B 209 -16.55 1.22 -0.12
N ALA B 210 -16.85 2.20 0.75
CA ALA B 210 -15.85 3.16 1.24
C ALA B 210 -15.08 2.64 2.44
N LYS B 211 -15.66 1.68 3.15
CA LYS B 211 -14.99 0.97 4.25
C LYS B 211 -15.82 -0.27 4.46
N PRO B 212 -15.30 -1.24 5.24
CA PRO B 212 -16.15 -2.41 5.50
C PRO B 212 -17.51 -2.04 6.05
N GLY B 213 -18.57 -2.43 5.33
CA GLY B 213 -19.97 -2.16 5.71
C GLY B 213 -20.58 -0.82 5.36
N LEU B 214 -19.83 0.03 4.68
CA LEU B 214 -20.33 1.31 4.23
C LEU B 214 -20.02 1.50 2.76
N ARG B 215 -21.06 1.72 1.98
CA ARG B 215 -20.92 2.00 0.57
C ARG B 215 -21.12 3.49 0.26
N THR B 216 -20.72 3.85 -0.94
CA THR B 216 -20.89 5.19 -1.50
C THR B 216 -21.84 5.14 -2.70
N ASP B 217 -22.66 6.19 -2.89
CA ASP B 217 -23.48 6.30 -4.10
C ASP B 217 -22.74 7.10 -5.19
N ALA B 218 -21.45 7.38 -4.96
CA ALA B 218 -20.67 8.15 -5.91
C ALA B 218 -20.50 7.45 -7.24
N VAL B 219 -20.27 8.27 -8.28
CA VAL B 219 -19.90 7.85 -9.60
C VAL B 219 -18.76 8.74 -10.01
N PHE B 220 -17.59 8.17 -10.27
CA PHE B 220 -16.44 8.91 -10.72
C PHE B 220 -16.18 8.65 -12.19
N GLU B 221 -15.77 9.71 -12.90
CA GLU B 221 -15.38 9.61 -14.27
C GLU B 221 -13.90 9.94 -14.38
N LEU B 222 -13.19 9.05 -15.05
CA LEU B 222 -11.82 9.28 -15.44
C LEU B 222 -11.83 9.67 -16.90
N ASP B 223 -11.31 10.86 -17.17
CA ASP B 223 -11.29 11.44 -18.51
C ASP B 223 -9.84 11.46 -19.03
N PHE B 224 -9.57 10.57 -19.98
CA PHE B 224 -8.25 10.44 -20.59
C PHE B 224 -8.15 11.21 -21.92
N THR B 225 -9.09 12.10 -22.21
CA THR B 225 -9.16 12.77 -23.54
C THR B 225 -8.04 13.79 -23.76
N GLY B 226 -7.51 14.32 -22.67
CA GLY B 226 -6.55 15.41 -22.77
C GLY B 226 -5.14 14.96 -22.47
N ASN B 227 -4.25 15.93 -22.37
CA ASN B 227 -2.86 15.68 -22.08
C ASN B 227 -2.65 15.15 -20.66
N ASN B 228 -3.59 15.47 -19.77
CA ASN B 228 -3.51 15.11 -18.37
C ASN B 228 -4.81 14.41 -17.95
N LEU B 229 -4.69 13.28 -17.25
CA LEU B 229 -5.87 12.58 -16.74
C LEU B 229 -6.63 13.52 -15.82
N LYS B 230 -7.94 13.54 -16.02
CA LYS B 230 -8.84 14.36 -15.23
C LYS B 230 -9.88 13.47 -14.56
N TRP B 231 -10.14 13.75 -13.30
CA TRP B 231 -11.12 13.03 -12.48
C TRP B 231 -12.30 13.94 -12.16
N ASN B 232 -13.52 13.43 -12.33
CA ASN B 232 -14.76 14.17 -12.09
C ASN B 232 -15.70 13.34 -11.24
N LYS B 233 -16.37 13.99 -10.31
CA LYS B 233 -17.51 13.44 -9.63
C LYS B 233 -18.74 13.68 -10.45
N LEU B 234 -19.38 12.63 -10.89
CA LEU B 234 -20.61 12.72 -11.63
C LEU B 234 -21.80 12.67 -10.68
N ALA B 235 -23.00 12.76 -11.24
CA ALA B 235 -24.20 12.60 -10.44
C ALA B 235 -24.20 11.20 -9.85
N PRO B 236 -24.57 11.08 -8.58
CA PRO B 236 -24.63 9.77 -7.95
C PRO B 236 -25.78 8.91 -8.43
N VAL B 237 -25.71 7.64 -8.01
CA VAL B 237 -26.70 6.67 -8.39
C VAL B 237 -26.81 5.66 -7.25
N SER B 238 -28.00 5.06 -7.15
CA SER B 238 -28.35 4.20 -6.04
C SER B 238 -28.28 4.95 -4.70
N SER B 239 -28.79 6.19 -4.70
CA SER B 239 -28.73 7.01 -3.51
C SER B 239 -29.86 6.62 -2.55
N PRO B 240 -29.65 6.86 -1.26
CA PRO B 240 -28.50 7.50 -0.65
C PRO B 240 -27.33 6.60 -0.25
N ASP B 241 -27.59 5.30 -0.08
CA ASP B 241 -26.65 4.40 0.61
C ASP B 241 -25.59 3.81 -0.32
N GLY B 242 -25.93 3.64 -1.60
CA GLY B 242 -25.01 3.01 -2.55
C GLY B 242 -25.07 1.51 -2.41
N VAL B 243 -24.47 0.83 -3.37
CA VAL B 243 -24.28 -0.61 -3.32
C VAL B 243 -22.81 -0.93 -3.56
N ALA B 244 -22.48 -2.20 -3.36
CA ALA B 244 -21.22 -2.73 -3.85
C ALA B 244 -21.51 -4.03 -4.60
N GLY B 245 -20.61 -4.41 -5.50
CA GLY B 245 -20.82 -5.60 -6.29
C GLY B 245 -21.91 -5.49 -7.33
N GLY B 246 -22.22 -4.26 -7.74
CA GLY B 246 -23.16 -4.05 -8.84
C GLY B 246 -22.58 -4.43 -10.21
N PHE B 247 -23.48 -4.49 -11.19
CA PHE B 247 -23.16 -4.81 -12.59
C PHE B 247 -23.22 -3.58 -13.46
N ALA B 248 -22.39 -3.53 -14.50
CA ALA B 248 -22.37 -2.31 -15.32
C ALA B 248 -21.81 -2.53 -16.70
N GLY B 249 -22.38 -1.79 -17.65
CA GLY B 249 -21.93 -1.84 -19.01
C GLY B 249 -22.45 -0.65 -19.77
N ILE B 250 -22.19 -0.63 -21.06
CA ILE B 250 -22.59 0.51 -21.85
C ILE B 250 -23.45 -0.06 -22.94
N SER B 251 -24.53 0.65 -23.26
CA SER B 251 -25.46 0.23 -24.30
C SER B 251 -25.74 1.44 -25.15
N ASN B 252 -25.16 1.44 -26.35
CA ASN B 252 -25.14 2.62 -27.19
C ASN B 252 -24.09 3.55 -26.58
N ASP B 253 -24.52 4.69 -26.05
CA ASP B 253 -23.64 5.63 -25.33
C ASP B 253 -24.17 5.92 -23.91
N SER B 254 -25.06 5.06 -23.44
CA SER B 254 -25.70 5.21 -22.14
C SER B 254 -25.22 4.13 -21.18
N LEU B 255 -24.80 4.51 -19.98
CA LEU B 255 -24.31 3.46 -19.04
C LEU B 255 -25.48 2.70 -18.42
N ILE B 256 -25.32 1.38 -18.28
CA ILE B 256 -26.27 0.54 -17.55
C ILE B 256 -25.63 0.15 -16.21
N PHE B 257 -26.31 0.44 -15.10
CA PHE B 257 -25.88 -0.01 -13.74
C PHE B 257 -27.02 -0.75 -13.09
N ALA B 258 -26.76 -2.00 -12.71
CA ALA B 258 -27.81 -2.89 -12.21
C ALA B 258 -27.35 -3.64 -10.96
N GLY B 259 -28.29 -3.87 -10.06
CA GLY B 259 -28.05 -4.72 -8.90
C GLY B 259 -27.03 -4.16 -7.91
N GLY B 260 -26.35 -5.07 -7.21
CA GLY B 260 -25.50 -4.70 -6.11
C GLY B 260 -26.18 -5.00 -4.78
N ALA B 261 -25.39 -4.98 -3.73
CA ALA B 261 -25.90 -5.26 -2.39
C ALA B 261 -25.40 -4.20 -1.41
N GLY B 262 -26.14 -4.03 -0.32
CA GLY B 262 -25.80 -3.03 0.67
C GLY B 262 -26.63 -3.13 1.94
N PHE B 263 -26.42 -2.18 2.83
CA PHE B 263 -27.07 -2.13 4.13
C PHE B 263 -27.85 -0.82 4.20
N LYS B 264 -29.17 -0.92 4.14
CA LYS B 264 -30.04 0.26 4.05
C LYS B 264 -29.94 1.04 5.37
N GLY B 265 -29.72 2.35 5.27
CA GLY B 265 -29.57 3.19 6.44
C GLY B 265 -28.13 3.40 6.93
N SER B 266 -27.17 2.68 6.34
CA SER B 266 -25.80 2.75 6.81
C SER B 266 -25.15 4.13 6.59
N ARG B 267 -25.46 4.81 5.48
CA ARG B 267 -24.84 6.12 5.18
C ARG B 267 -25.28 7.10 6.26
N GLU B 268 -26.55 7.04 6.62
CA GLU B 268 -27.07 7.96 7.61
C GLU B 268 -26.41 7.67 8.97
N ASN B 269 -26.30 6.40 9.38
CA ASN B 269 -25.52 6.07 10.58
C ASN B 269 -24.09 6.62 10.58
N TYR B 270 -23.34 6.39 9.50
CA TYR B 270 -22.02 6.95 9.44
C TYR B 270 -22.00 8.49 9.54
N GLN B 271 -22.92 9.14 8.81
CA GLN B 271 -23.05 10.61 8.82
C GLN B 271 -23.37 11.07 10.23
N ASN B 272 -24.04 10.22 11.00
CA ASN B 272 -24.36 10.52 12.40
C ASN B 272 -23.26 10.10 13.40
N GLY B 273 -22.09 9.72 12.93
CA GLY B 273 -20.96 9.45 13.84
C GLY B 273 -20.79 8.03 14.34
N LYS B 274 -21.57 7.09 13.82
CA LYS B 274 -21.42 5.66 14.15
C LYS B 274 -20.49 5.01 13.12
N ASN B 275 -19.23 4.83 13.50
CA ASN B 275 -18.23 4.29 12.55
C ASN B 275 -18.63 2.91 12.06
N TYR B 276 -19.18 2.10 12.95
CA TYR B 276 -19.65 0.75 12.61
C TYR B 276 -21.06 0.91 12.05
N ALA B 277 -21.11 1.32 10.77
CA ALA B 277 -22.30 1.88 10.16
C ALA B 277 -23.40 0.87 9.87
N HIS B 278 -23.02 -0.41 9.80
CA HIS B 278 -23.95 -1.46 9.41
C HIS B 278 -24.21 -2.44 10.55
N GLU B 279 -23.79 -2.11 11.76
CA GLU B 279 -24.06 -2.96 12.94
C GLU B 279 -25.54 -3.33 13.05
N GLY B 280 -25.83 -4.63 13.08
CA GLY B 280 -27.21 -5.12 13.23
C GLY B 280 -28.06 -5.12 11.97
N LEU B 281 -27.57 -4.53 10.88
CA LEU B 281 -28.37 -4.44 9.66
C LEU B 281 -28.18 -5.71 8.82
N LYS B 282 -29.22 -6.07 8.07
CA LYS B 282 -29.14 -7.21 7.15
C LYS B 282 -28.81 -6.72 5.74
N LYS B 283 -27.96 -7.48 5.06
CA LYS B 283 -27.60 -7.18 3.66
C LYS B 283 -28.81 -7.34 2.78
N SER B 284 -29.08 -6.34 1.93
CA SER B 284 -30.13 -6.45 0.92
C SER B 284 -29.55 -6.34 -0.48
N TYR B 285 -30.27 -6.91 -1.44
CA TYR B 285 -29.81 -7.02 -2.83
C TYR B 285 -30.71 -6.20 -3.74
N SER B 286 -30.11 -5.27 -4.47
CA SER B 286 -30.90 -4.38 -5.34
C SER B 286 -31.40 -5.06 -6.63
N THR B 287 -32.62 -4.72 -7.02
CA THR B 287 -33.18 -5.10 -8.30
C THR B 287 -33.17 -3.94 -9.29
N ASP B 288 -32.74 -2.77 -8.85
CA ASP B 288 -32.79 -1.56 -9.69
C ASP B 288 -31.88 -1.64 -10.90
N ILE B 289 -32.34 -1.09 -12.02
CA ILE B 289 -31.50 -0.90 -13.21
C ILE B 289 -31.58 0.59 -13.53
N HIS B 290 -30.42 1.24 -13.49
CA HIS B 290 -30.28 2.66 -13.77
C HIS B 290 -29.63 2.82 -15.12
N LEU B 291 -30.12 3.78 -15.89
CA LEU B 291 -29.54 4.07 -17.18
C LEU B 291 -28.98 5.49 -17.14
N TRP B 292 -27.75 5.65 -17.59
CA TRP B 292 -27.16 6.99 -17.67
C TRP B 292 -27.22 7.40 -19.13
N HIS B 293 -28.18 8.25 -19.47
CA HIS B 293 -28.55 8.49 -20.85
C HIS B 293 -28.63 9.99 -21.04
N ASN B 294 -27.94 10.48 -22.06
CA ASN B 294 -27.81 11.92 -22.31
C ASN B 294 -27.28 12.65 -21.07
N GLY B 295 -26.31 12.03 -20.39
CA GLY B 295 -25.65 12.63 -19.24
C GLY B 295 -26.47 12.69 -17.96
N LYS B 296 -27.56 11.92 -17.89
CA LYS B 296 -28.44 11.93 -16.71
C LYS B 296 -28.85 10.52 -16.33
N TRP B 297 -28.96 10.24 -15.02
CA TRP B 297 -29.39 8.90 -14.54
C TRP B 297 -30.90 8.82 -14.39
N ASP B 298 -31.49 7.68 -14.73
CA ASP B 298 -32.89 7.43 -14.32
C ASP B 298 -33.08 5.95 -13.97
N LYS B 299 -33.95 5.64 -13.01
CA LYS B 299 -34.38 4.26 -12.78
C LYS B 299 -35.24 3.84 -13.97
N SER B 300 -34.74 2.87 -14.74
CA SER B 300 -35.26 2.57 -16.05
C SER B 300 -35.82 1.17 -16.19
N GLY B 301 -35.42 0.25 -15.30
CA GLY B 301 -36.00 -1.08 -15.31
C GLY B 301 -35.69 -1.79 -14.01
N GLU B 302 -35.91 -3.09 -14.01
CA GLU B 302 -35.60 -3.86 -12.83
C GLU B 302 -35.26 -5.30 -13.18
N LEU B 303 -34.42 -5.90 -12.34
CA LEU B 303 -34.13 -7.31 -12.38
C LEU B 303 -35.27 -8.02 -11.66
N SER B 304 -35.52 -9.28 -12.03
N SER B 304 -35.54 -9.27 -12.01
CA SER B 304 -36.55 -10.11 -11.39
CA SER B 304 -36.61 -10.02 -11.32
C SER B 304 -36.19 -10.44 -9.95
C SER B 304 -36.20 -10.52 -9.94
N GLN B 305 -34.88 -10.65 -9.71
CA GLN B 305 -34.35 -10.96 -8.40
C GLN B 305 -33.13 -10.09 -8.11
N GLY B 306 -32.98 -9.63 -6.86
CA GLY B 306 -31.79 -8.90 -6.44
C GLY B 306 -30.53 -9.71 -6.67
N ARG B 307 -29.44 -9.07 -7.09
CA ARG B 307 -28.25 -9.80 -7.53
C ARG B 307 -27.03 -8.91 -7.37
N ALA B 308 -25.94 -9.48 -6.90
CA ALA B 308 -24.65 -8.81 -6.77
C ALA B 308 -23.54 -9.83 -7.00
N TYR B 309 -22.32 -9.33 -7.18
N TYR B 309 -22.32 -9.35 -7.19
CA TYR B 309 -21.11 -10.14 -7.23
CA TYR B 309 -21.15 -10.20 -7.14
C TYR B 309 -21.17 -11.27 -8.24
C TYR B 309 -21.06 -11.25 -8.25
N GLY B 310 -21.40 -10.85 -9.47
CA GLY B 310 -21.25 -11.70 -10.66
C GLY B 310 -20.28 -11.08 -11.65
N VAL B 311 -20.41 -11.51 -12.89
CA VAL B 311 -19.58 -11.01 -14.00
C VAL B 311 -20.40 -10.13 -14.97
N SER B 312 -19.84 -8.97 -15.30
CA SER B 312 -20.43 -8.03 -16.27
C SER B 312 -19.54 -8.01 -17.50
N LEU B 313 -20.14 -8.17 -18.69
CA LEU B 313 -19.36 -8.13 -19.94
C LEU B 313 -20.14 -7.36 -21.01
N PRO B 314 -19.43 -6.61 -21.88
CA PRO B 314 -20.10 -6.01 -23.04
C PRO B 314 -20.37 -7.06 -24.11
N TRP B 315 -21.60 -7.14 -24.60
CA TRP B 315 -21.92 -8.07 -25.66
C TRP B 315 -23.08 -7.56 -26.50
N ASN B 316 -22.87 -7.46 -27.81
CA ASN B 316 -23.92 -6.98 -28.73
C ASN B 316 -24.53 -5.66 -28.28
N ASN B 317 -23.68 -4.70 -27.92
CA ASN B 317 -24.15 -3.40 -27.48
C ASN B 317 -25.11 -3.47 -26.29
N SER B 318 -24.90 -4.46 -25.42
CA SER B 318 -25.73 -4.71 -24.26
C SER B 318 -24.83 -5.05 -23.09
N LEU B 319 -25.43 -5.08 -21.91
CA LEU B 319 -24.75 -5.57 -20.70
C LEU B 319 -25.13 -7.04 -20.47
N LEU B 320 -24.13 -7.92 -20.52
CA LEU B 320 -24.30 -9.33 -20.26
C LEU B 320 -23.89 -9.57 -18.79
N ILE B 321 -24.83 -10.11 -18.00
CA ILE B 321 -24.57 -10.41 -16.58
C ILE B 321 -24.55 -11.91 -16.43
N ILE B 322 -23.50 -12.45 -15.81
CA ILE B 322 -23.35 -13.89 -15.69
C ILE B 322 -23.15 -14.22 -14.21
N GLY B 323 -24.03 -15.07 -13.69
CA GLY B 323 -23.94 -15.53 -12.29
C GLY B 323 -24.21 -14.42 -11.29
N GLY B 324 -23.62 -14.58 -10.12
CA GLY B 324 -23.83 -13.68 -9.02
C GLY B 324 -24.38 -14.38 -7.78
N GLU B 325 -24.77 -13.58 -6.82
CA GLU B 325 -25.29 -13.99 -5.52
C GLU B 325 -26.62 -13.27 -5.33
N THR B 326 -27.60 -13.97 -4.74
CA THR B 326 -28.93 -13.42 -4.50
C THR B 326 -29.20 -13.47 -2.97
N ALA B 327 -30.41 -13.15 -2.55
CA ALA B 327 -30.79 -13.18 -1.12
C ALA B 327 -30.33 -14.46 -0.41
N GLY B 328 -29.82 -14.31 0.82
CA GLY B 328 -29.29 -15.46 1.58
C GLY B 328 -27.89 -15.88 1.17
N GLY B 329 -27.25 -15.07 0.34
CA GLY B 329 -25.90 -15.38 -0.15
C GLY B 329 -25.82 -16.52 -1.15
N LYS B 330 -26.95 -16.88 -1.77
CA LYS B 330 -27.01 -18.00 -2.71
C LYS B 330 -26.44 -17.65 -4.10
N ALA B 331 -25.43 -18.40 -4.53
CA ALA B 331 -24.85 -18.24 -5.85
C ALA B 331 -25.82 -18.75 -6.91
N VAL B 332 -25.82 -18.12 -8.09
CA VAL B 332 -26.71 -18.54 -9.18
C VAL B 332 -25.90 -18.87 -10.42
N THR B 333 -26.57 -19.52 -11.38
CA THR B 333 -25.93 -20.02 -12.60
C THR B 333 -26.42 -19.33 -13.89
N ASP B 334 -27.46 -18.51 -13.78
CA ASP B 334 -28.11 -17.95 -14.97
C ASP B 334 -27.48 -16.62 -15.39
N SER B 335 -27.84 -16.19 -16.61
N SER B 335 -27.84 -16.19 -16.60
CA SER B 335 -27.34 -14.97 -17.20
CA SER B 335 -27.31 -14.96 -17.18
C SER B 335 -28.48 -14.09 -17.63
C SER B 335 -28.45 -14.09 -17.68
N VAL B 336 -28.23 -12.78 -17.63
CA VAL B 336 -29.20 -11.76 -17.99
C VAL B 336 -28.57 -10.88 -19.06
N LEU B 337 -29.40 -10.39 -19.99
CA LEU B 337 -28.95 -9.42 -20.97
C LEU B 337 -29.79 -8.15 -20.79
N ILE B 338 -29.13 -7.02 -20.60
CA ILE B 338 -29.80 -5.73 -20.48
C ILE B 338 -29.42 -4.90 -21.72
N THR B 339 -30.43 -4.58 -22.54
CA THR B 339 -30.20 -3.78 -23.72
C THR B 339 -31.01 -2.48 -23.60
N VAL B 340 -30.52 -1.41 -24.21
CA VAL B 340 -31.29 -0.18 -24.29
C VAL B 340 -31.87 -0.05 -25.70
N LYS B 341 -33.20 -0.01 -25.78
CA LYS B 341 -33.94 0.43 -26.95
C LYS B 341 -34.48 1.78 -26.50
N ASP B 342 -33.83 2.85 -26.92
CA ASP B 342 -33.95 4.17 -26.30
C ASP B 342 -35.35 4.67 -25.98
N ASN B 343 -35.49 5.55 -24.98
CA ASN B 343 -34.44 5.79 -23.98
C ASN B 343 -34.73 4.89 -22.78
N LYS B 344 -34.98 3.61 -23.06
CA LYS B 344 -35.57 2.69 -22.10
C LYS B 344 -34.83 1.36 -22.11
N VAL B 345 -34.83 0.68 -20.96
CA VAL B 345 -34.14 -0.59 -20.84
C VAL B 345 -35.07 -1.77 -21.07
N THR B 346 -34.51 -2.82 -21.65
CA THR B 346 -35.19 -4.10 -21.79
C THR B 346 -34.31 -5.18 -21.16
N VAL B 347 -34.94 -6.16 -20.52
CA VAL B 347 -34.24 -7.20 -19.76
C VAL B 347 -34.63 -8.63 -20.22
N GLN B 348 -33.63 -9.41 -20.62
CA GLN B 348 -33.80 -10.79 -21.10
C GLN B 348 -33.14 -11.77 -20.12
N ASN B 349 -33.86 -12.80 -19.69
CA ASN B 349 -33.31 -13.77 -18.74
C ASN B 349 -34.10 -15.07 -18.77
#